data_3MJ8
#
_entry.id   3MJ8
#
_cell.length_a   43.836
_cell.length_b   148.768
_cell.length_c   68.798
_cell.angle_alpha   90.00
_cell.angle_beta   106.23
_cell.angle_gamma   90.00
#
_symmetry.space_group_name_H-M   'P 1 21 1'
#
loop_
_entity.id
_entity.type
_entity.pdbx_description
1 polymer 'STIMULATORY HAMSTER ANTIBODY HL4E10 FAB LIGHT CHAIN'
2 polymer 'STIMULATORY HAMSTER ANTIBODY HL4E10 FAB HEAVY CHAIN'
#
loop_
_entity_poly.entity_id
_entity_poly.type
_entity_poly.pdbx_seq_one_letter_code
_entity_poly.pdbx_strand_id
1 'polypeptide(L)'
;SYTLTQPPLVSVALGQKATITCSGDKLSDVYVHWYQQKAGQAPVLVIYEDNRRPSGIPDHFSGSNSGNMATLTISKAQAG
DEADYYCQSWDGTNSAWVFGSGTKVTVLGQPNAAPSVTLFPPSSEELKTNQATLVCMINGFYPADVAVTWEADGTPITQG
VKTTQPSKSDSKYMATSYLTMTADAWKSRNTFICKVTHGGNTVEKSLSPSACS
;
L,A
2 'polypeptide(L)'
;QVQLKESGPGLLQPSQTLSLTCTVSGISLSDYGVHWVRQAPGKGLEWMGIIGHAGGTDYNSNLKSRVSISRDTSKSQVFL
KLNSLQQEDTAMYFCARHFYTYFDVWGQGIQVTVSSATTTAPSVYPLAPACDSTTSTTNTVTLGCLVKGYFPEPVTVSWN
SGALTSGVHTFPSVLHSGLYSLSSSVTVPSSTWPSQTVTCNVAHPASSTKVDKKIVPGDGSGC
;
H,B
#
# COMPACT_ATOMS: atom_id res chain seq x y z
N SER A 1 -31.05 17.23 -9.59
CA SER A 1 -29.97 18.25 -9.55
C SER A 1 -29.15 18.13 -8.26
N TYR A 2 -28.61 16.93 -8.05
CA TYR A 2 -27.88 16.61 -6.82
C TYR A 2 -26.53 17.33 -6.80
N THR A 3 -26.16 17.88 -5.63
CA THR A 3 -24.89 18.59 -5.47
C THR A 3 -24.20 18.25 -4.15
N LEU A 4 -22.89 18.01 -4.23
CA LEU A 4 -22.08 17.67 -3.05
C LEU A 4 -21.28 18.89 -2.59
N THR A 5 -21.46 19.27 -1.33
CA THR A 5 -20.78 20.45 -0.78
C THR A 5 -19.41 20.04 -0.21
N GLN A 6 -18.39 20.82 -0.58
CA GLN A 6 -17.01 20.58 -0.14
C GLN A 6 -16.34 21.91 0.20
N PRO A 7 -15.73 21.99 1.39
CA PRO A 7 -15.04 23.24 1.75
C PRO A 7 -13.83 23.46 0.85
N PRO A 8 -13.66 24.69 0.34
CA PRO A 8 -12.73 24.96 -0.75
C PRO A 8 -11.23 24.76 -0.44
N LEU A 9 -10.82 25.09 0.79
CA LEU A 9 -9.41 25.07 1.15
C LEU A 9 -9.20 24.36 2.49
N VAL A 10 -8.01 23.81 2.69
CA VAL A 10 -7.66 23.12 3.94
C VAL A 10 -6.14 23.17 4.18
N SER A 11 -5.69 24.19 4.91
CA SER A 11 -4.28 24.32 5.26
C SER A 11 -3.93 23.38 6.41
N VAL A 12 -2.67 22.96 6.46
CA VAL A 12 -2.20 22.00 7.46
C VAL A 12 -0.69 21.89 7.40
N ALA A 13 -0.02 22.10 8.54
CA ALA A 13 1.43 21.99 8.60
C ALA A 13 1.86 20.54 8.38
N LEU A 14 3.05 20.37 7.80
CA LEU A 14 3.59 19.05 7.53
C LEU A 14 3.56 18.17 8.78
N GLY A 15 3.03 16.96 8.63
CA GLY A 15 2.91 16.02 9.74
C GLY A 15 1.65 16.13 10.56
N GLN A 16 0.65 16.88 10.07
CA GLN A 16 -0.65 17.04 10.76
C GLN A 16 -1.81 16.34 10.03
N LYS A 17 -2.89 16.10 10.76
CA LYS A 17 -4.10 15.47 10.21
C LYS A 17 -4.93 16.46 9.40
N ALA A 18 -5.13 16.15 8.13
CA ALA A 18 -6.04 16.93 7.27
C ALA A 18 -7.35 16.18 7.09
N THR A 19 -8.46 16.89 7.31
CA THR A 19 -9.79 16.31 7.13
C THR A 19 -10.55 17.10 6.07
N ILE A 20 -11.05 16.39 5.05
CA ILE A 20 -11.88 16.98 4.01
C ILE A 20 -13.26 16.35 4.05
N THR A 21 -14.29 17.18 4.00
CA THR A 21 -15.66 16.76 4.24
C THR A 21 -16.56 16.94 3.02
N CYS A 22 -17.34 15.91 2.71
CA CYS A 22 -18.27 15.92 1.56
C CYS A 22 -19.71 15.74 2.06
N SER A 23 -20.60 16.66 1.69
CA SER A 23 -22.01 16.63 2.17
C SER A 23 -23.04 16.34 1.08
N GLY A 24 -24.20 15.85 1.49
CA GLY A 24 -25.30 15.54 0.57
C GLY A 24 -26.61 15.28 1.30
N ASP A 25 -27.68 14.98 0.56
CA ASP A 25 -29.00 14.74 1.16
C ASP A 25 -29.01 13.48 2.03
N LYS A 26 -28.92 12.31 1.42
CA LYS A 26 -28.80 11.05 2.14
C LYS A 26 -27.52 10.38 1.66
N LEU A 27 -26.40 11.00 2.01
CA LEU A 27 -25.12 10.61 1.47
C LEU A 27 -24.67 9.23 1.95
N SER A 28 -25.17 8.78 3.10
CA SER A 28 -24.81 7.45 3.61
C SER A 28 -25.54 6.31 2.89
N ASP A 29 -26.62 6.61 2.18
CA ASP A 29 -27.31 5.60 1.38
C ASP A 29 -26.40 5.10 0.26
N VAL A 30 -25.77 6.05 -0.44
CA VAL A 30 -24.93 5.75 -1.59
C VAL A 30 -23.44 5.80 -1.24
N TYR A 31 -22.63 5.01 -1.93
CA TYR A 31 -21.18 5.01 -1.76
C TYR A 31 -20.53 6.32 -2.22
N VAL A 32 -19.47 6.71 -1.52
CA VAL A 32 -18.66 7.88 -1.86
C VAL A 32 -17.26 7.44 -2.28
N HIS A 33 -16.66 8.18 -3.20
CA HIS A 33 -15.30 7.92 -3.71
C HIS A 33 -14.50 9.22 -3.77
N TRP A 34 -13.19 9.13 -3.57
CA TRP A 34 -12.31 10.31 -3.54
C TRP A 34 -11.19 10.19 -4.55
N TYR A 35 -10.98 11.26 -5.31
CA TYR A 35 -9.87 11.36 -6.25
C TYR A 35 -8.96 12.50 -5.87
N GLN A 36 -7.66 12.26 -6.00
CA GLN A 36 -6.63 13.28 -5.81
C GLN A 36 -6.29 13.84 -7.17
N GLN A 37 -6.06 15.14 -7.26
CA GLN A 37 -5.62 15.76 -8.52
C GLN A 37 -4.56 16.81 -8.27
N LYS A 38 -3.38 16.61 -8.84
CA LYS A 38 -2.29 17.58 -8.76
C LYS A 38 -2.31 18.43 -10.02
N ALA A 39 -2.12 19.73 -9.85
CA ALA A 39 -2.19 20.70 -10.96
C ALA A 39 -1.74 20.11 -12.29
N GLY A 40 -2.62 20.20 -13.29
CA GLY A 40 -2.28 19.80 -14.66
C GLY A 40 -2.12 18.31 -14.89
N GLN A 41 -2.76 17.51 -14.04
CA GLN A 41 -2.69 16.05 -14.16
C GLN A 41 -4.07 15.42 -14.00
N ALA A 42 -4.19 14.21 -14.50
CA ALA A 42 -5.43 13.47 -14.37
C ALA A 42 -5.64 13.09 -12.91
N PRO A 43 -6.90 13.02 -12.47
CA PRO A 43 -7.19 12.50 -11.14
C PRO A 43 -6.64 11.08 -10.92
N VAL A 44 -6.41 10.75 -9.65
CA VAL A 44 -6.00 9.41 -9.25
C VAL A 44 -6.94 8.92 -8.17
N LEU A 45 -7.39 7.67 -8.29
CA LEU A 45 -8.33 7.10 -7.31
C LEU A 45 -7.62 6.75 -6.00
N VAL A 46 -7.79 7.60 -4.99
CA VAL A 46 -7.13 7.40 -3.69
C VAL A 46 -7.96 6.54 -2.74
N ILE A 47 -9.28 6.72 -2.78
CA ILE A 47 -10.20 5.94 -1.96
C ILE A 47 -11.46 5.62 -2.76
N TYR A 48 -12.06 4.47 -2.45
CA TYR A 48 -13.35 4.09 -3.04
C TYR A 48 -14.23 3.37 -2.03
N GLU A 49 -15.52 3.27 -2.35
CA GLU A 49 -16.54 2.69 -1.47
C GLU A 49 -16.35 3.09 -0.01
N ASP A 50 -16.48 4.39 0.24
CA ASP A 50 -16.40 4.99 1.58
C ASP A 50 -15.01 4.90 2.22
N ASN A 51 -14.52 3.68 2.43
CA ASN A 51 -13.33 3.45 3.25
C ASN A 51 -12.47 2.29 2.75
N ARG A 52 -12.04 2.36 1.49
CA ARG A 52 -11.27 1.29 0.86
C ARG A 52 -10.21 1.83 -0.08
N ARG A 53 -9.03 1.21 -0.07
CA ARG A 53 -7.90 1.64 -0.90
C ARG A 53 -7.68 0.73 -2.11
N PRO A 54 -7.37 1.33 -3.26
CA PRO A 54 -6.86 0.52 -4.36
C PRO A 54 -5.36 0.27 -4.15
N SER A 55 -4.83 -0.80 -4.72
CA SER A 55 -3.43 -1.18 -4.50
C SER A 55 -2.47 -0.12 -5.06
N GLY A 56 -1.40 0.15 -4.32
CA GLY A 56 -0.42 1.16 -4.69
C GLY A 56 -0.53 2.42 -3.88
N ILE A 57 -1.75 2.76 -3.44
CA ILE A 57 -1.99 3.98 -2.69
C ILE A 57 -1.46 3.86 -1.24
N PRO A 58 -0.79 4.91 -0.73
CA PRO A 58 -0.34 5.02 0.66
C PRO A 58 -1.38 4.65 1.72
N ASP A 59 -0.88 4.13 2.84
CA ASP A 59 -1.73 3.76 3.98
C ASP A 59 -2.15 4.95 4.85
N HIS A 60 -1.66 6.15 4.54
CA HIS A 60 -2.02 7.34 5.33
C HIS A 60 -3.28 8.06 4.84
N PHE A 61 -3.93 7.51 3.81
CA PHE A 61 -5.27 7.94 3.41
C PHE A 61 -6.31 7.03 4.06
N SER A 62 -7.41 7.62 4.52
CA SER A 62 -8.44 6.86 5.22
C SER A 62 -9.78 7.59 5.18
N GLY A 63 -10.84 6.88 4.78
CA GLY A 63 -12.15 7.49 4.57
C GLY A 63 -13.23 6.88 5.43
N SER A 64 -14.39 7.55 5.46
CA SER A 64 -15.53 7.09 6.23
C SER A 64 -16.78 7.85 5.79
N ASN A 65 -17.94 7.27 6.04
CA ASN A 65 -19.21 7.85 5.59
C ASN A 65 -20.36 7.54 6.54
N SER A 66 -20.61 8.45 7.47
CA SER A 66 -21.72 8.31 8.43
C SER A 66 -22.45 9.64 8.62
N GLY A 67 -23.72 9.54 9.02
CA GLY A 67 -24.59 10.71 9.06
C GLY A 67 -24.95 11.09 7.63
N ASN A 68 -24.50 12.27 7.21
CA ASN A 68 -24.54 12.64 5.79
C ASN A 68 -23.19 13.13 5.28
N MET A 69 -22.15 13.00 6.12
CA MET A 69 -20.81 13.47 5.79
C MET A 69 -19.95 12.28 5.39
N ALA A 70 -19.37 12.35 4.19
CA ALA A 70 -18.20 11.52 3.86
C ALA A 70 -16.98 12.33 4.28
N THR A 71 -15.88 11.65 4.59
CA THR A 71 -14.68 12.35 5.05
C THR A 71 -13.40 11.63 4.61
N LEU A 72 -12.49 12.38 4.01
CA LEU A 72 -11.17 11.84 3.63
C LEU A 72 -10.08 12.34 4.59
N THR A 73 -9.49 11.43 5.34
CA THR A 73 -8.42 11.75 6.26
C THR A 73 -7.05 11.57 5.60
N ILE A 74 -6.19 12.56 5.80
CA ILE A 74 -4.77 12.46 5.49
C ILE A 74 -4.02 12.62 6.80
N SER A 75 -3.61 11.51 7.39
CA SER A 75 -2.85 11.55 8.63
C SER A 75 -1.37 11.74 8.29
N LYS A 76 -0.67 12.49 9.14
CA LYS A 76 0.72 12.86 8.89
C LYS A 76 0.97 13.33 7.45
N ALA A 77 0.38 14.47 7.10
CA ALA A 77 0.47 15.05 5.75
C ALA A 77 1.91 15.27 5.31
N GLN A 78 2.12 15.20 3.99
CA GLN A 78 3.43 15.44 3.38
C GLN A 78 3.34 16.43 2.20
N ALA A 79 4.51 16.84 1.71
CA ALA A 79 4.59 17.75 0.58
C ALA A 79 3.91 17.18 -0.64
N GLY A 80 4.06 15.88 -0.86
CA GLY A 80 3.47 15.20 -2.01
C GLY A 80 1.99 14.88 -1.88
N ASP A 81 1.41 15.17 -0.72
CA ASP A 81 -0.04 14.99 -0.49
C ASP A 81 -0.85 16.24 -0.85
N GLU A 82 -0.17 17.38 -0.97
CA GLU A 82 -0.82 18.63 -1.39
C GLU A 82 -1.43 18.46 -2.77
N ALA A 83 -2.70 18.84 -2.91
CA ALA A 83 -3.43 18.69 -4.18
C ALA A 83 -4.87 19.15 -4.07
N ASP A 84 -5.57 19.14 -5.20
CA ASP A 84 -7.02 19.29 -5.22
C ASP A 84 -7.63 17.92 -4.99
N TYR A 85 -8.63 17.84 -4.12
CA TYR A 85 -9.28 16.56 -3.80
C TYR A 85 -10.76 16.66 -4.11
N TYR A 86 -11.30 15.61 -4.74
CA TYR A 86 -12.69 15.60 -5.17
C TYR A 86 -13.42 14.35 -4.68
N CYS A 87 -14.53 14.55 -3.96
CA CYS A 87 -15.45 13.45 -3.64
C CYS A 87 -16.39 13.25 -4.82
N GLN A 88 -17.09 12.12 -4.81
CA GLN A 88 -17.91 11.69 -5.95
C GLN A 88 -18.97 10.71 -5.48
N SER A 89 -20.07 10.60 -6.24
CA SER A 89 -21.11 9.62 -5.94
C SER A 89 -22.07 9.43 -7.12
N TRP A 90 -22.89 8.39 -7.00
CA TRP A 90 -23.95 8.10 -7.98
C TRP A 90 -25.27 8.63 -7.44
N ASP A 91 -26.26 8.79 -8.31
CA ASP A 91 -27.64 9.03 -7.87
C ASP A 91 -28.66 8.46 -8.86
N GLY A 92 -29.56 7.63 -8.36
CA GLY A 92 -30.58 7.00 -9.18
C GLY A 92 -31.63 7.99 -9.66
N THR A 93 -32.12 8.83 -8.75
CA THR A 93 -33.19 9.80 -9.03
C THR A 93 -33.18 10.26 -10.48
N ASN A 94 -32.00 10.64 -10.95
CA ASN A 94 -31.73 10.81 -12.37
C ASN A 94 -30.38 10.18 -12.67
N SER A 95 -30.39 9.10 -13.45
CA SER A 95 -29.19 8.30 -13.71
C SER A 95 -28.00 9.18 -14.12
N ALA A 96 -27.11 9.43 -13.16
CA ALA A 96 -25.97 10.31 -13.39
C ALA A 96 -24.95 10.21 -12.26
N TRP A 97 -23.70 10.53 -12.59
CA TRP A 97 -22.62 10.63 -11.59
C TRP A 97 -22.38 12.10 -11.24
N VAL A 98 -22.16 12.36 -9.95
CA VAL A 98 -22.06 13.74 -9.44
C VAL A 98 -20.74 13.93 -8.72
N PHE A 99 -20.04 15.03 -9.02
CA PHE A 99 -18.76 15.34 -8.38
C PHE A 99 -18.92 16.44 -7.33
N GLY A 100 -18.13 16.34 -6.27
CA GLY A 100 -18.10 17.37 -5.25
C GLY A 100 -17.47 18.66 -5.75
N SER A 101 -17.69 19.74 -5.02
CA SER A 101 -17.19 21.06 -5.39
C SER A 101 -15.66 21.16 -5.31
N GLY A 102 -15.01 20.23 -4.61
CA GLY A 102 -13.55 20.17 -4.57
C GLY A 102 -12.95 20.89 -3.36
N THR A 103 -11.94 20.27 -2.74
CA THR A 103 -11.21 20.87 -1.62
C THR A 103 -9.72 20.95 -1.93
N LYS A 104 -9.23 22.15 -2.21
CA LYS A 104 -7.80 22.36 -2.44
C LYS A 104 -7.02 22.26 -1.12
N VAL A 105 -6.51 21.07 -0.84
CA VAL A 105 -5.74 20.86 0.39
C VAL A 105 -4.30 21.34 0.23
N THR A 106 -3.96 22.41 0.94
CA THR A 106 -2.60 22.94 0.90
C THR A 106 -1.81 22.46 2.13
N VAL A 107 -0.64 21.87 1.89
CA VAL A 107 0.22 21.36 2.96
C VAL A 107 1.39 22.31 3.25
N LEU A 108 1.27 23.08 4.32
CA LEU A 108 2.26 24.13 4.61
C LEU A 108 3.60 23.55 5.08
N GLY A 109 4.68 23.95 4.42
CA GLY A 109 6.02 23.46 4.73
C GLY A 109 7.07 24.55 4.91
N GLN A 110 6.62 25.75 5.24
CA GLN A 110 7.52 26.88 5.53
C GLN A 110 6.72 28.06 6.12
N PRO A 111 7.42 29.05 6.73
CA PRO A 111 6.70 30.18 7.29
C PRO A 111 5.88 30.93 6.24
N ASN A 112 4.69 31.37 6.61
CA ASN A 112 3.87 32.19 5.72
C ASN A 112 4.51 33.55 5.52
N ALA A 113 4.88 33.85 4.28
CA ALA A 113 5.63 35.06 3.96
C ALA A 113 4.73 36.09 3.29
N ALA A 114 4.99 37.37 3.57
CA ALA A 114 4.21 38.48 3.03
C ALA A 114 4.62 38.76 1.58
N PRO A 115 3.71 39.32 0.78
CA PRO A 115 4.01 39.68 -0.61
C PRO A 115 4.73 41.02 -0.73
N SER A 116 5.54 41.17 -1.78
CA SER A 116 6.11 42.47 -2.16
C SER A 116 5.39 42.96 -3.41
N VAL A 117 4.62 44.05 -3.26
CA VAL A 117 3.82 44.59 -4.35
C VAL A 117 4.60 45.68 -5.11
N THR A 118 4.44 45.71 -6.44
CA THR A 118 4.93 46.81 -7.27
C THR A 118 3.85 47.19 -8.27
N LEU A 119 3.46 48.47 -8.23
CA LEU A 119 2.39 48.99 -9.08
C LEU A 119 2.99 49.94 -10.10
N PHE A 120 2.91 49.56 -11.37
CA PHE A 120 3.48 50.34 -12.49
C PHE A 120 2.40 51.20 -13.16
N PRO A 121 2.77 52.43 -13.57
CA PRO A 121 1.83 53.28 -14.27
C PRO A 121 1.81 52.96 -15.76
N PRO A 122 0.82 53.49 -16.50
CA PRO A 122 0.78 53.25 -17.94
C PRO A 122 2.00 53.83 -18.66
N SER A 123 2.38 53.25 -19.78
CA SER A 123 3.51 53.74 -20.56
C SER A 123 3.05 54.75 -21.60
N SER A 124 3.78 55.85 -21.73
CA SER A 124 3.55 56.83 -22.80
C SER A 124 3.24 56.13 -24.11
N GLU A 125 4.08 55.17 -24.46
CA GLU A 125 3.94 54.40 -25.69
C GLU A 125 2.55 53.78 -25.83
N GLU A 126 2.01 53.25 -24.72
CA GLU A 126 0.64 52.71 -24.71
C GLU A 126 -0.40 53.82 -24.75
N LEU A 127 -0.13 54.93 -24.07
CA LEU A 127 -1.10 56.01 -23.94
C LEU A 127 -1.40 56.70 -25.27
N LYS A 128 -0.46 56.61 -26.20
CA LYS A 128 -0.67 57.12 -27.57
C LYS A 128 -1.69 56.27 -28.33
N THR A 129 -1.94 55.05 -27.86
CA THR A 129 -3.02 54.21 -28.39
C THR A 129 -4.39 54.60 -27.82
N ASN A 130 -4.40 55.55 -26.87
CA ASN A 130 -5.60 55.94 -26.14
C ASN A 130 -6.09 54.82 -25.24
N GLN A 131 -5.14 54.11 -24.64
CA GLN A 131 -5.41 53.03 -23.70
C GLN A 131 -4.53 53.19 -22.47
N ALA A 132 -4.89 52.49 -21.41
CA ALA A 132 -4.13 52.53 -20.16
C ALA A 132 -4.21 51.18 -19.44
N THR A 133 -3.04 50.57 -19.21
CA THR A 133 -2.96 49.31 -18.49
C THR A 133 -2.06 49.48 -17.28
N LEU A 134 -2.66 49.41 -16.09
CA LEU A 134 -1.92 49.42 -14.83
C LEU A 134 -1.46 47.98 -14.55
N VAL A 135 -0.24 47.82 -14.04
CA VAL A 135 0.33 46.50 -13.75
C VAL A 135 0.71 46.41 -12.27
N CYS A 136 -0.07 45.64 -11.50
CA CYS A 136 0.20 45.44 -10.07
C CYS A 136 0.81 44.04 -9.90
N MET A 137 2.13 44.01 -9.65
CA MET A 137 2.92 42.78 -9.57
C MET A 137 3.15 42.39 -8.12
N ILE A 138 2.86 41.13 -7.78
CA ILE A 138 2.92 40.62 -6.41
C ILE A 138 3.93 39.48 -6.28
N ASN A 139 4.82 39.57 -5.28
CA ASN A 139 6.01 38.69 -5.20
C ASN A 139 6.29 38.09 -3.84
N GLY A 140 6.99 36.95 -3.85
CA GLY A 140 7.58 36.36 -2.65
C GLY A 140 6.65 36.08 -1.49
N PHE A 141 5.47 35.55 -1.79
CA PHE A 141 4.51 35.20 -0.74
C PHE A 141 4.27 33.70 -0.68
N TYR A 142 3.75 33.24 0.45
CA TYR A 142 3.46 31.84 0.68
C TYR A 142 2.45 31.76 1.84
N PRO A 143 1.42 30.90 1.71
CA PRO A 143 1.10 29.99 0.62
C PRO A 143 0.59 30.73 -0.62
N ALA A 144 0.13 29.97 -1.62
CA ALA A 144 -0.28 30.52 -2.91
C ALA A 144 -1.75 30.86 -2.94
N ASP A 145 -2.16 31.92 -2.23
CA ASP A 145 -3.51 32.46 -2.35
C ASP A 145 -3.57 33.93 -1.90
N VAL A 146 -3.85 34.80 -2.87
CA VAL A 146 -3.91 36.24 -2.65
C VAL A 146 -5.31 36.72 -3.05
N ALA A 147 -5.66 37.93 -2.63
CA ALA A 147 -6.90 38.57 -3.09
C ALA A 147 -6.60 40.03 -3.42
N VAL A 148 -6.84 40.39 -4.68
CA VAL A 148 -6.54 41.74 -5.17
C VAL A 148 -7.83 42.56 -5.35
N THR A 149 -7.77 43.84 -4.95
CA THR A 149 -8.88 44.78 -5.12
C THR A 149 -8.32 46.07 -5.69
N TRP A 150 -9.05 46.68 -6.63
CA TRP A 150 -8.66 47.99 -7.18
C TRP A 150 -9.65 49.06 -6.73
N GLU A 151 -9.15 50.28 -6.61
CA GLU A 151 -9.91 51.37 -6.02
C GLU A 151 -9.44 52.71 -6.59
N ALA A 152 -10.38 53.48 -7.13
CA ALA A 152 -10.09 54.79 -7.73
C ALA A 152 -10.79 55.90 -6.95
N ASP A 153 -10.01 56.89 -6.51
CA ASP A 153 -10.52 57.99 -5.71
C ASP A 153 -11.43 57.49 -4.58
N GLY A 154 -11.13 56.30 -4.06
CA GLY A 154 -11.89 55.71 -2.97
C GLY A 154 -13.27 55.18 -3.33
N THR A 155 -13.39 54.56 -4.50
CA THR A 155 -14.63 53.88 -4.89
C THR A 155 -14.29 52.58 -5.62
N PRO A 156 -14.51 51.43 -4.96
CA PRO A 156 -14.15 50.10 -5.49
C PRO A 156 -14.31 49.94 -7.00
N ILE A 157 -13.22 49.58 -7.68
CA ILE A 157 -13.22 49.44 -9.14
C ILE A 157 -13.10 47.97 -9.58
N THR A 158 -14.18 47.46 -10.15
CA THR A 158 -14.28 46.07 -10.56
C THR A 158 -14.05 45.90 -12.05
N GLN A 159 -14.82 46.65 -12.85
CA GLN A 159 -14.85 46.46 -14.31
C GLN A 159 -13.49 46.72 -14.95
N GLY A 160 -13.15 45.92 -15.95
CA GLY A 160 -11.89 46.04 -16.68
C GLY A 160 -10.73 45.30 -16.02
N VAL A 161 -10.99 44.62 -14.91
CA VAL A 161 -9.92 43.97 -14.13
C VAL A 161 -9.76 42.49 -14.51
N LYS A 162 -8.53 41.99 -14.37
CA LYS A 162 -8.22 40.59 -14.58
C LYS A 162 -6.93 40.24 -13.84
N THR A 163 -6.92 39.07 -13.19
CA THR A 163 -5.80 38.63 -12.35
C THR A 163 -5.34 37.23 -12.71
N THR A 164 -4.02 37.06 -12.81
CA THR A 164 -3.43 35.75 -13.07
C THR A 164 -3.58 34.90 -11.82
N GLN A 165 -3.67 33.59 -12.00
CA GLN A 165 -3.63 32.69 -10.85
C GLN A 165 -2.19 32.67 -10.31
N PRO A 166 -2.00 32.29 -9.04
CA PRO A 166 -0.64 32.24 -8.48
C PRO A 166 0.24 31.23 -9.21
N SER A 167 1.54 31.27 -8.92
CA SER A 167 2.50 30.45 -9.65
C SER A 167 3.85 30.46 -8.96
N LYS A 168 4.46 29.29 -8.84
CA LYS A 168 5.62 29.12 -7.96
C LYS A 168 6.90 29.64 -8.62
N SER A 169 7.69 30.36 -7.83
CA SER A 169 8.98 30.91 -8.27
C SER A 169 10.05 30.57 -7.24
N ASP A 170 11.03 29.76 -7.65
CA ASP A 170 12.18 29.43 -6.81
C ASP A 170 11.79 28.80 -5.46
N SER A 171 11.29 29.61 -4.52
CA SER A 171 10.77 29.09 -3.24
C SER A 171 9.39 29.61 -2.84
N LYS A 172 8.92 30.68 -3.47
CA LYS A 172 7.66 31.32 -3.10
C LYS A 172 6.80 31.61 -4.32
N TYR A 173 5.56 32.04 -4.10
CA TYR A 173 4.60 32.25 -5.19
C TYR A 173 4.62 33.68 -5.73
N MET A 174 4.05 33.87 -6.92
CA MET A 174 3.95 35.18 -7.57
C MET A 174 2.67 35.34 -8.41
N ALA A 175 2.18 36.58 -8.51
CA ALA A 175 0.99 36.87 -9.32
C ALA A 175 0.88 38.36 -9.71
N THR A 176 0.22 38.64 -10.84
CA THR A 176 -0.06 40.02 -11.27
C THR A 176 -1.56 40.27 -11.38
N SER A 177 -1.94 41.54 -11.24
CA SER A 177 -3.31 41.98 -11.49
C SER A 177 -3.26 43.21 -12.39
N TYR A 178 -4.06 43.20 -13.45
CA TYR A 178 -4.10 44.31 -14.40
C TYR A 178 -5.43 45.07 -14.34
N LEU A 179 -5.36 46.38 -14.49
CA LEU A 179 -6.55 47.21 -14.68
C LEU A 179 -6.46 47.90 -16.04
N THR A 180 -7.33 47.51 -16.96
CA THR A 180 -7.38 48.05 -18.31
C THR A 180 -8.46 49.13 -18.43
N MET A 181 -8.16 50.18 -19.18
CA MET A 181 -9.05 51.33 -19.32
C MET A 181 -8.53 52.30 -20.39
N THR A 182 -9.33 53.32 -20.69
CA THR A 182 -8.96 54.32 -21.69
C THR A 182 -7.85 55.22 -21.18
N ALA A 183 -7.18 55.90 -22.11
CA ALA A 183 -6.03 56.75 -21.79
C ALA A 183 -6.42 57.93 -20.91
N ASP A 184 -7.57 58.54 -21.19
CA ASP A 184 -8.05 59.73 -20.46
C ASP A 184 -8.81 59.40 -19.17
N ALA A 185 -9.43 58.23 -19.12
CA ALA A 185 -10.06 57.74 -17.88
C ALA A 185 -8.99 57.38 -16.83
N TRP A 186 -7.72 57.46 -17.23
CA TRP A 186 -6.59 57.39 -16.31
C TRP A 186 -6.17 58.81 -15.89
N LYS A 187 -6.05 59.71 -16.86
CA LYS A 187 -5.59 61.08 -16.62
C LYS A 187 -6.58 61.87 -15.77
N SER A 188 -7.86 61.53 -15.90
CA SER A 188 -8.92 62.16 -15.13
C SER A 188 -8.79 61.94 -13.62
N ARG A 189 -8.53 60.71 -13.22
CA ARG A 189 -8.58 60.31 -11.80
C ARG A 189 -7.49 60.95 -10.94
N ASN A 190 -7.77 61.04 -9.64
CA ASN A 190 -6.81 61.57 -8.66
C ASN A 190 -5.79 60.52 -8.24
N THR A 191 -6.27 59.36 -7.77
CA THR A 191 -5.37 58.31 -7.28
C THR A 191 -5.93 56.91 -7.44
N PHE A 192 -5.07 55.99 -7.90
CA PHE A 192 -5.38 54.57 -8.04
C PHE A 192 -4.62 53.73 -7.02
N ILE A 193 -5.24 52.63 -6.58
CA ILE A 193 -4.61 51.70 -5.61
C ILE A 193 -4.92 50.23 -5.94
N CYS A 194 -3.90 49.37 -5.86
CA CYS A 194 -4.13 47.92 -5.83
C CYS A 194 -3.91 47.44 -4.39
N LYS A 195 -4.92 46.75 -3.84
CA LYS A 195 -4.87 46.19 -2.50
C LYS A 195 -4.66 44.69 -2.59
N VAL A 196 -3.50 44.22 -2.15
CA VAL A 196 -3.17 42.79 -2.19
C VAL A 196 -3.29 42.18 -0.79
N THR A 197 -4.30 41.34 -0.61
CA THR A 197 -4.57 40.71 0.69
C THR A 197 -3.95 39.33 0.72
N HIS A 198 -3.31 38.99 1.85
CA HIS A 198 -2.71 37.67 2.03
C HIS A 198 -2.58 37.36 3.52
N GLY A 199 -3.12 36.22 3.93
CA GLY A 199 -3.24 35.89 5.35
C GLY A 199 -4.20 36.87 6.00
N GLY A 200 -3.75 37.52 7.07
CA GLY A 200 -4.48 38.63 7.69
C GLY A 200 -3.73 39.94 7.53
N ASN A 201 -3.14 40.12 6.35
CA ASN A 201 -2.32 41.30 6.03
C ASN A 201 -2.72 41.88 4.68
N THR A 202 -2.94 43.20 4.64
CA THR A 202 -3.10 43.91 3.37
C THR A 202 -1.83 44.68 3.08
N VAL A 203 -1.48 44.73 1.81
CA VAL A 203 -0.37 45.55 1.34
C VAL A 203 -0.94 46.45 0.25
N GLU A 204 -0.62 47.74 0.32
CA GLU A 204 -1.17 48.72 -0.62
C GLU A 204 -0.06 49.45 -1.38
N LYS A 205 -0.34 49.82 -2.62
CA LYS A 205 0.57 50.62 -3.43
C LYS A 205 -0.24 51.63 -4.23
N SER A 206 0.18 52.90 -4.17
CA SER A 206 -0.56 54.01 -4.76
C SER A 206 0.01 54.46 -6.10
N LEU A 207 -0.84 55.12 -6.88
CA LEU A 207 -0.47 55.56 -8.22
C LEU A 207 -1.41 56.70 -8.61
N SER A 208 -0.89 57.91 -8.62
CA SER A 208 -1.67 59.13 -8.86
C SER A 208 -1.13 59.92 -10.05
N PRO A 209 -1.92 60.04 -11.13
CA PRO A 209 -1.45 60.83 -12.28
C PRO A 209 -1.42 62.34 -11.99
N GLN B 1 -0.85 -2.15 -17.54
CA GLN B 1 -1.31 -2.51 -18.92
C GLN B 1 -2.53 -1.70 -19.33
N VAL B 2 -3.55 -1.69 -18.48
CA VAL B 2 -4.82 -1.05 -18.79
C VAL B 2 -4.66 0.47 -18.94
N GLN B 3 -4.69 0.96 -20.17
CA GLN B 3 -4.43 2.38 -20.47
C GLN B 3 -5.50 3.04 -21.36
N LEU B 4 -5.73 4.34 -21.13
CA LEU B 4 -6.63 5.16 -21.93
C LEU B 4 -5.91 6.43 -22.36
N LYS B 5 -5.95 6.73 -23.65
CA LYS B 5 -5.32 7.95 -24.18
C LYS B 5 -6.33 8.80 -24.96
N GLU B 6 -6.26 10.11 -24.79
CA GLU B 6 -7.11 11.03 -25.54
C GLU B 6 -6.34 11.63 -26.72
N SER B 7 -7.03 11.78 -27.85
CA SER B 7 -6.48 12.46 -29.03
C SER B 7 -7.50 13.46 -29.56
N GLY B 8 -7.02 14.44 -30.33
CA GLY B 8 -7.88 15.47 -30.90
C GLY B 8 -7.25 16.86 -30.92
N PRO B 9 -8.02 17.87 -31.39
CA PRO B 9 -7.52 19.24 -31.51
C PRO B 9 -7.53 19.98 -30.18
N GLY B 10 -6.74 21.04 -30.10
CA GLY B 10 -6.71 21.94 -28.93
C GLY B 10 -7.16 23.37 -29.19
N LEU B 11 -7.48 23.69 -30.45
CA LEU B 11 -7.96 25.02 -30.82
C LEU B 11 -9.14 24.93 -31.80
N LEU B 12 -10.33 25.31 -31.32
CA LEU B 12 -11.56 25.38 -32.13
C LEU B 12 -12.19 26.76 -31.98
N GLN B 13 -13.21 27.04 -32.81
CA GLN B 13 -13.99 28.29 -32.72
C GLN B 13 -15.45 27.99 -32.37
N PRO B 14 -16.19 29.02 -31.87
CA PRO B 14 -17.57 28.84 -31.40
C PRO B 14 -18.59 28.35 -32.44
N SER B 15 -18.14 27.96 -33.63
CA SER B 15 -19.00 27.30 -34.60
C SER B 15 -18.80 25.79 -34.53
N GLN B 16 -17.55 25.36 -34.62
CA GLN B 16 -17.20 23.97 -34.95
C GLN B 16 -17.71 22.94 -33.95
N THR B 17 -17.73 21.68 -34.36
CA THR B 17 -18.11 20.57 -33.48
C THR B 17 -16.84 19.83 -33.02
N LEU B 18 -16.75 19.60 -31.72
CA LEU B 18 -15.56 18.97 -31.14
C LEU B 18 -15.61 17.46 -31.35
N SER B 19 -14.44 16.86 -31.59
CA SER B 19 -14.32 15.42 -31.78
C SER B 19 -13.08 14.87 -31.08
N LEU B 20 -13.29 14.15 -29.99
CA LEU B 20 -12.20 13.51 -29.26
C LEU B 20 -12.37 11.99 -29.28
N THR B 21 -11.28 11.30 -29.61
CA THR B 21 -11.23 9.86 -29.56
C THR B 21 -10.42 9.43 -28.34
N CYS B 22 -11.01 8.60 -27.49
CA CYS B 22 -10.28 7.98 -26.39
C CYS B 22 -9.90 6.57 -26.80
N THR B 23 -8.60 6.30 -26.86
CA THR B 23 -8.09 5.00 -27.32
C THR B 23 -7.71 4.09 -26.15
N VAL B 24 -8.36 2.93 -26.09
CA VAL B 24 -8.12 1.94 -25.05
C VAL B 24 -7.10 0.88 -25.46
N SER B 25 -6.31 0.41 -24.50
CA SER B 25 -5.34 -0.67 -24.73
C SER B 25 -5.01 -1.37 -23.42
N GLY B 26 -4.75 -2.68 -23.49
CA GLY B 26 -4.62 -3.51 -22.30
C GLY B 26 -5.88 -4.29 -22.03
N ILE B 27 -7.03 -3.63 -22.20
CA ILE B 27 -8.35 -4.25 -22.00
C ILE B 27 -9.21 -4.06 -23.25
N SER B 28 -10.33 -4.77 -23.30
CA SER B 28 -11.25 -4.70 -24.43
C SER B 28 -12.50 -3.91 -24.08
N LEU B 29 -13.02 -3.16 -25.05
CA LEU B 29 -14.21 -2.34 -24.86
C LEU B 29 -15.48 -3.19 -24.72
N SER B 30 -15.46 -4.39 -25.28
CA SER B 30 -16.59 -5.31 -25.21
C SER B 30 -17.07 -5.54 -23.78
N ASP B 31 -16.13 -5.48 -22.83
CA ASP B 31 -16.45 -5.75 -21.43
C ASP B 31 -15.95 -4.64 -20.50
N TYR B 32 -16.09 -3.39 -20.94
CA TYR B 32 -15.87 -2.20 -20.10
C TYR B 32 -16.50 -0.96 -20.71
N GLY B 33 -17.06 -0.10 -19.87
CA GLY B 33 -17.61 1.19 -20.28
C GLY B 33 -16.60 2.31 -20.06
N VAL B 34 -16.78 3.44 -20.75
CA VAL B 34 -15.86 4.57 -20.70
C VAL B 34 -16.58 5.89 -20.45
N HIS B 35 -16.18 6.60 -19.41
CA HIS B 35 -16.74 7.93 -19.09
C HIS B 35 -15.97 9.03 -19.80
N TRP B 36 -16.62 10.17 -19.98
CA TRP B 36 -15.94 11.42 -20.31
C TRP B 36 -16.21 12.44 -19.21
N VAL B 37 -15.16 13.17 -18.83
CA VAL B 37 -15.27 14.25 -17.85
C VAL B 37 -14.42 15.43 -18.31
N ARG B 38 -14.89 16.64 -18.01
CA ARG B 38 -14.12 17.82 -18.35
C ARG B 38 -13.94 18.74 -17.14
N GLN B 39 -13.08 19.73 -17.30
CA GLN B 39 -12.70 20.60 -16.20
C GLN B 39 -12.26 21.96 -16.71
N ALA B 40 -13.12 22.97 -16.51
CA ALA B 40 -12.81 24.35 -16.88
C ALA B 40 -11.66 24.88 -16.02
N PRO B 41 -10.84 25.79 -16.58
CA PRO B 41 -9.71 26.35 -15.84
C PRO B 41 -10.08 26.69 -14.39
N GLY B 42 -9.37 26.07 -13.43
CA GLY B 42 -9.55 26.37 -12.02
C GLY B 42 -10.95 26.11 -11.48
N LYS B 43 -11.63 25.11 -12.04
CA LYS B 43 -13.00 24.78 -11.64
C LYS B 43 -13.19 23.28 -11.49
N GLY B 44 -14.37 22.87 -11.03
CA GLY B 44 -14.62 21.47 -10.66
C GLY B 44 -14.67 20.50 -11.83
N LEU B 45 -14.55 19.22 -11.50
CA LEU B 45 -14.64 18.15 -12.48
C LEU B 45 -16.11 17.90 -12.76
N GLU B 46 -16.50 17.97 -14.04
CA GLU B 46 -17.88 17.70 -14.44
C GLU B 46 -17.96 16.44 -15.29
N TRP B 47 -18.84 15.52 -14.88
CA TRP B 47 -19.17 14.35 -15.69
C TRP B 47 -20.06 14.79 -16.86
N MET B 48 -19.72 14.33 -18.06
CA MET B 48 -20.49 14.65 -19.25
C MET B 48 -21.37 13.46 -19.63
N GLY B 49 -20.78 12.27 -19.66
CA GLY B 49 -21.50 11.09 -20.10
C GLY B 49 -20.70 9.80 -20.05
N ILE B 50 -21.33 8.74 -20.55
CA ILE B 50 -20.76 7.39 -20.52
C ILE B 50 -21.32 6.58 -21.68
N ILE B 51 -20.49 5.69 -22.22
CA ILE B 51 -20.94 4.63 -23.13
C ILE B 51 -20.50 3.30 -22.54
N GLY B 52 -21.47 2.47 -22.16
CA GLY B 52 -21.19 1.24 -21.43
C GLY B 52 -20.59 0.12 -22.27
N HIS B 53 -20.30 -1.00 -21.62
CA HIS B 53 -19.78 -2.19 -22.29
C HIS B 53 -20.82 -2.78 -23.24
N ALA B 54 -22.10 -2.60 -22.91
CA ALA B 54 -23.21 -3.09 -23.72
C ALA B 54 -23.50 -2.20 -24.93
N GLY B 55 -22.96 -0.98 -24.92
CA GLY B 55 -23.22 -0.01 -25.98
C GLY B 55 -24.29 1.00 -25.61
N GLY B 56 -24.89 0.82 -24.43
CA GLY B 56 -25.84 1.80 -23.91
C GLY B 56 -25.12 3.07 -23.48
N THR B 57 -25.78 4.21 -23.66
CA THR B 57 -25.20 5.51 -23.34
C THR B 57 -26.03 6.23 -22.27
N ASP B 58 -25.46 7.29 -21.69
CA ASP B 58 -26.14 8.05 -20.64
C ASP B 58 -25.44 9.40 -20.43
N TYR B 59 -26.16 10.50 -20.63
CA TYR B 59 -25.56 11.85 -20.63
C TYR B 59 -26.06 12.74 -19.49
N ASN B 60 -25.32 13.83 -19.26
CA ASN B 60 -25.66 14.84 -18.24
C ASN B 60 -26.75 15.79 -18.75
N SER B 61 -27.61 16.25 -17.84
CA SER B 61 -28.77 17.08 -18.22
C SER B 61 -28.38 18.43 -18.81
N ASN B 62 -27.44 19.12 -18.19
CA ASN B 62 -27.01 20.44 -18.65
C ASN B 62 -26.23 20.41 -19.97
N LEU B 63 -25.65 19.25 -20.30
CA LEU B 63 -24.96 19.06 -21.58
C LEU B 63 -25.90 18.64 -22.70
N LYS B 64 -27.02 17.99 -22.36
CA LYS B 64 -27.86 17.30 -23.34
C LYS B 64 -28.39 18.19 -24.47
N SER B 65 -28.85 17.53 -25.53
CA SER B 65 -29.26 18.15 -26.79
C SER B 65 -28.09 18.67 -27.63
N ARG B 66 -26.85 18.41 -27.20
CA ARG B 66 -25.69 18.79 -27.99
C ARG B 66 -24.42 17.99 -27.65
N VAL B 67 -24.60 16.73 -27.27
CA VAL B 67 -23.48 15.87 -26.90
C VAL B 67 -23.72 14.43 -27.34
N SER B 68 -22.70 13.84 -28.00
CA SER B 68 -22.81 12.51 -28.56
C SER B 68 -21.58 11.67 -28.21
N ILE B 69 -21.81 10.44 -27.77
CA ILE B 69 -20.72 9.50 -27.49
C ILE B 69 -20.93 8.20 -28.26
N SER B 70 -19.87 7.71 -28.90
CA SER B 70 -19.90 6.44 -29.62
C SER B 70 -18.55 5.73 -29.50
N ARG B 71 -18.41 4.59 -30.17
CA ARG B 71 -17.17 3.80 -30.10
C ARG B 71 -16.89 2.98 -31.36
N ASP B 72 -15.76 2.27 -31.35
CA ASP B 72 -15.41 1.29 -32.38
C ASP B 72 -14.58 0.19 -31.72
N THR B 73 -15.24 -0.92 -31.40
CA THR B 73 -14.68 -1.93 -30.50
C THR B 73 -13.50 -2.72 -31.07
N SER B 74 -13.37 -2.76 -32.40
CA SER B 74 -12.25 -3.44 -33.04
C SER B 74 -10.95 -2.67 -32.83
N LYS B 75 -10.99 -1.37 -33.12
CA LYS B 75 -9.84 -0.48 -32.90
C LYS B 75 -9.71 -0.03 -31.45
N SER B 76 -10.65 -0.43 -30.59
CA SER B 76 -10.67 -0.02 -29.18
C SER B 76 -10.72 1.50 -29.02
N GLN B 77 -11.49 2.16 -29.88
CA GLN B 77 -11.62 3.61 -29.86
C GLN B 77 -12.97 4.02 -29.27
N VAL B 78 -12.97 5.07 -28.44
CA VAL B 78 -14.20 5.64 -27.89
C VAL B 78 -14.27 7.11 -28.29
N PHE B 79 -15.43 7.53 -28.81
CA PHE B 79 -15.56 8.87 -29.43
C PHE B 79 -16.49 9.81 -28.68
N LEU B 80 -16.18 11.10 -28.73
CA LEU B 80 -16.96 12.13 -28.05
C LEU B 80 -17.16 13.35 -28.95
N LYS B 81 -18.37 13.91 -28.95
CA LYS B 81 -18.66 15.07 -29.79
C LYS B 81 -19.56 16.14 -29.13
N LEU B 82 -19.07 17.39 -29.14
CA LEU B 82 -19.80 18.55 -28.61
C LEU B 82 -20.04 19.56 -29.73
N ASN B 83 -21.27 19.67 -30.21
CA ASN B 83 -21.62 20.70 -31.18
C ASN B 83 -22.18 21.92 -30.47
N SER B 84 -22.24 23.04 -31.17
CA SER B 84 -22.68 24.32 -30.61
C SER B 84 -21.76 24.74 -29.47
N LEU B 85 -20.55 25.18 -29.83
CA LEU B 85 -19.50 25.51 -28.87
C LEU B 85 -19.49 26.98 -28.48
N GLN B 86 -18.91 27.27 -27.31
CA GLN B 86 -18.65 28.65 -26.87
C GLN B 86 -17.37 28.73 -26.03
N GLN B 87 -16.97 29.96 -25.67
CA GLN B 87 -15.80 30.20 -24.82
C GLN B 87 -15.76 29.25 -23.63
N GLU B 88 -16.89 29.11 -22.96
CA GLU B 88 -16.98 28.37 -21.69
C GLU B 88 -16.99 26.84 -21.89
N ASP B 89 -16.83 26.39 -23.12
CA ASP B 89 -16.55 24.97 -23.38
C ASP B 89 -15.06 24.67 -23.23
N THR B 90 -14.24 25.71 -23.15
CA THR B 90 -12.79 25.57 -23.03
C THR B 90 -12.41 24.87 -21.72
N ALA B 91 -11.74 23.72 -21.82
CA ALA B 91 -11.43 22.91 -20.65
C ALA B 91 -10.47 21.77 -20.94
N MET B 92 -10.01 21.10 -19.89
CA MET B 92 -9.26 19.85 -20.00
C MET B 92 -10.25 18.71 -20.11
N TYR B 93 -10.04 17.83 -21.08
CA TYR B 93 -10.96 16.72 -21.31
C TYR B 93 -10.30 15.38 -21.00
N PHE B 94 -10.96 14.61 -20.14
CA PHE B 94 -10.47 13.30 -19.71
C PHE B 94 -11.41 12.19 -20.14
N CYS B 95 -10.86 11.02 -20.46
CA CYS B 95 -11.68 9.81 -20.57
C CYS B 95 -11.25 8.83 -19.46
N ALA B 96 -12.22 8.12 -18.89
CA ALA B 96 -11.96 7.31 -17.70
C ALA B 96 -12.80 6.03 -17.71
N ARG B 97 -12.24 4.94 -17.19
CA ARG B 97 -12.93 3.65 -17.20
C ARG B 97 -14.08 3.61 -16.20
N HIS B 98 -15.14 2.88 -16.55
CA HIS B 98 -16.22 2.59 -15.64
C HIS B 98 -15.93 1.28 -14.92
N PHE B 99 -16.02 1.31 -13.59
CA PHE B 99 -15.79 0.12 -12.76
C PHE B 99 -16.68 0.27 -11.53
N TYR B 100 -17.84 -0.38 -11.57
CA TYR B 100 -18.92 -0.18 -10.61
C TYR B 100 -19.29 1.31 -10.54
N THR B 101 -19.14 1.95 -9.37
CA THR B 101 -19.52 3.35 -9.19
C THR B 101 -18.34 4.31 -9.38
N TYR B 102 -17.13 3.82 -9.10
CA TYR B 102 -15.94 4.66 -9.15
C TYR B 102 -15.28 4.65 -10.53
N PHE B 103 -14.32 5.55 -10.72
CA PHE B 103 -13.59 5.73 -11.97
C PHE B 103 -12.15 5.32 -11.68
N ASP B 104 -11.76 4.10 -12.02
CA ASP B 104 -10.47 3.54 -11.55
C ASP B 104 -9.23 3.92 -12.36
N VAL B 105 -9.38 4.04 -13.68
CA VAL B 105 -8.26 4.40 -14.55
C VAL B 105 -8.66 5.57 -15.44
N TRP B 106 -7.83 6.62 -15.43
CA TRP B 106 -8.09 7.84 -16.18
C TRP B 106 -7.08 8.01 -17.32
N GLY B 107 -7.44 8.82 -18.30
CA GLY B 107 -6.50 9.25 -19.34
C GLY B 107 -5.60 10.32 -18.77
N GLN B 108 -4.58 10.72 -19.53
CA GLN B 108 -3.67 11.78 -19.09
C GLN B 108 -4.31 13.17 -19.21
N GLY B 109 -5.18 13.33 -20.20
CA GLY B 109 -5.93 14.57 -20.38
C GLY B 109 -5.48 15.34 -21.62
N ILE B 110 -6.43 16.02 -22.24
CA ILE B 110 -6.18 16.82 -23.42
C ILE B 110 -6.84 18.18 -23.22
N GLN B 111 -6.06 19.25 -23.34
CA GLN B 111 -6.57 20.61 -23.22
C GLN B 111 -7.22 20.98 -24.53
N VAL B 112 -8.36 21.67 -24.44
CA VAL B 112 -9.02 22.23 -25.62
C VAL B 112 -9.46 23.65 -25.30
N THR B 113 -9.19 24.57 -26.24
CA THR B 113 -9.63 25.97 -26.11
C THR B 113 -10.61 26.33 -27.23
N VAL B 114 -11.71 26.96 -26.85
CA VAL B 114 -12.68 27.49 -27.81
C VAL B 114 -12.49 29.01 -27.85
N SER B 115 -12.15 29.52 -29.02
CA SER B 115 -11.83 30.93 -29.17
C SER B 115 -11.86 31.37 -30.63
N SER B 116 -12.55 32.47 -30.90
CA SER B 116 -12.65 33.03 -32.24
C SER B 116 -11.49 33.98 -32.53
N ALA B 117 -10.39 33.85 -31.77
CA ALA B 117 -9.22 34.71 -31.93
C ALA B 117 -8.37 34.30 -33.12
N THR B 118 -7.75 35.29 -33.75
CA THR B 118 -6.81 35.08 -34.85
C THR B 118 -5.38 35.37 -34.37
N THR B 119 -4.40 34.87 -35.10
CA THR B 119 -3.00 35.00 -34.69
C THR B 119 -2.57 36.46 -34.66
N THR B 120 -2.54 37.03 -33.44
CA THR B 120 -2.18 38.43 -33.22
C THR B 120 -0.85 38.51 -32.49
N ALA B 121 0.10 39.25 -33.08
CA ALA B 121 1.40 39.49 -32.44
C ALA B 121 1.20 40.53 -31.35
N PRO B 122 1.98 40.43 -30.27
CA PRO B 122 1.76 41.28 -29.11
C PRO B 122 2.28 42.70 -29.28
N SER B 123 1.74 43.60 -28.47
CA SER B 123 2.32 44.92 -28.26
C SER B 123 3.16 44.84 -26.99
N VAL B 124 4.49 44.91 -27.13
CA VAL B 124 5.38 45.01 -25.97
C VAL B 124 5.50 46.47 -25.52
N TYR B 125 5.25 46.72 -24.23
CA TYR B 125 5.45 48.05 -23.65
C TYR B 125 6.40 47.97 -22.45
N PRO B 126 7.28 48.98 -22.28
CA PRO B 126 8.19 48.99 -21.12
C PRO B 126 7.47 49.40 -19.83
N LEU B 127 8.09 49.10 -18.70
CA LEU B 127 7.54 49.44 -17.40
C LEU B 127 8.65 49.97 -16.51
N ALA B 128 8.83 51.28 -16.50
CA ALA B 128 9.80 51.93 -15.62
C ALA B 128 9.12 52.28 -14.30
N PRO B 129 9.89 52.32 -13.21
CA PRO B 129 9.25 52.64 -11.93
C PRO B 129 8.73 54.07 -11.94
N ALA B 130 7.60 54.30 -11.28
CA ALA B 130 7.03 55.64 -11.18
C ALA B 130 7.65 56.36 -9.99
N CYS B 131 8.66 57.19 -10.27
CA CYS B 131 9.38 57.95 -9.25
C CYS B 131 9.41 57.27 -7.88
N ASN B 139 17.41 48.82 -1.85
CA ASN B 139 18.70 49.15 -2.43
C ASN B 139 18.90 48.50 -3.81
N THR B 140 17.80 48.31 -4.54
CA THR B 140 17.84 47.61 -5.83
C THR B 140 16.52 47.84 -6.60
N VAL B 141 16.64 48.02 -7.92
CA VAL B 141 15.51 48.44 -8.76
C VAL B 141 14.92 47.28 -9.56
N THR B 142 13.61 47.33 -9.82
CA THR B 142 12.92 46.32 -10.63
C THR B 142 12.17 46.94 -11.80
N LEU B 143 12.45 46.43 -13.00
CA LEU B 143 11.85 46.92 -14.24
C LEU B 143 11.00 45.81 -14.88
N GLY B 144 10.25 46.15 -15.93
CA GLY B 144 9.32 45.16 -16.51
C GLY B 144 8.90 45.36 -17.96
N CYS B 145 8.40 44.28 -18.55
CA CYS B 145 7.94 44.26 -19.93
C CYS B 145 6.52 43.76 -19.97
N LEU B 146 5.64 44.55 -20.58
CA LEU B 146 4.25 44.18 -20.72
C LEU B 146 4.03 43.66 -22.13
N VAL B 147 3.86 42.35 -22.26
CA VAL B 147 3.42 41.73 -23.50
C VAL B 147 1.88 41.72 -23.51
N LYS B 148 1.28 42.67 -24.26
CA LYS B 148 -0.16 42.85 -24.29
C LYS B 148 -0.75 42.33 -25.59
N GLY B 149 -1.94 41.73 -25.49
CA GLY B 149 -2.76 41.36 -26.65
C GLY B 149 -2.11 40.45 -27.68
N TYR B 150 -2.01 39.16 -27.36
CA TYR B 150 -1.54 38.18 -28.34
C TYR B 150 -2.35 36.90 -28.32
N PHE B 151 -2.22 36.13 -29.39
CA PHE B 151 -2.84 34.81 -29.49
C PHE B 151 -2.16 34.10 -30.66
N PRO B 152 -1.81 32.82 -30.49
CA PRO B 152 -1.97 31.96 -29.33
C PRO B 152 -0.76 31.99 -28.40
N GLU B 153 -0.81 31.15 -27.37
CA GLU B 153 0.33 30.86 -26.51
C GLU B 153 1.35 30.03 -27.30
N PRO B 154 2.65 30.10 -26.93
CA PRO B 154 3.27 30.86 -25.87
C PRO B 154 3.93 32.16 -26.38
N VAL B 155 4.65 32.84 -25.49
CA VAL B 155 5.44 34.02 -25.81
C VAL B 155 6.70 33.96 -24.97
N THR B 156 7.87 33.89 -25.60
CA THR B 156 9.14 33.88 -24.87
C THR B 156 9.50 35.29 -24.41
N VAL B 157 9.98 35.44 -23.17
CA VAL B 157 10.49 36.72 -22.69
C VAL B 157 11.91 36.58 -22.12
N SER B 158 12.83 37.38 -22.63
CA SER B 158 14.24 37.38 -22.19
C SER B 158 14.69 38.78 -21.80
N TRP B 159 15.89 38.89 -21.24
CA TRP B 159 16.48 40.17 -20.89
C TRP B 159 17.94 40.23 -21.30
N ASN B 160 18.30 41.30 -22.02
CA ASN B 160 19.62 41.46 -22.60
C ASN B 160 20.13 40.17 -23.23
N SER B 161 19.26 39.52 -24.03
CA SER B 161 19.61 38.32 -24.78
C SER B 161 20.28 37.22 -23.93
N GLY B 162 19.75 36.99 -22.74
CA GLY B 162 20.25 35.95 -21.86
C GLY B 162 21.33 36.38 -20.88
N ALA B 163 21.84 37.60 -21.04
CA ALA B 163 22.85 38.15 -20.14
C ALA B 163 22.29 38.44 -18.74
N LEU B 164 20.97 38.65 -18.65
CA LEU B 164 20.27 38.80 -17.37
C LEU B 164 19.51 37.52 -17.03
N THR B 165 20.15 36.65 -16.23
CA THR B 165 19.56 35.39 -15.81
C THR B 165 18.98 35.50 -14.39
N SER B 166 19.73 36.12 -13.49
CA SER B 166 19.31 36.28 -12.10
C SER B 166 18.32 37.45 -11.96
N GLY B 167 17.42 37.34 -11.00
CA GLY B 167 16.47 38.42 -10.69
C GLY B 167 15.21 38.46 -11.54
N VAL B 168 15.12 37.56 -12.52
CA VAL B 168 13.99 37.56 -13.46
C VAL B 168 12.74 36.93 -12.84
N HIS B 169 11.57 37.43 -13.22
CA HIS B 169 10.29 36.85 -12.82
C HIS B 169 9.29 36.94 -13.97
N THR B 170 8.92 35.78 -14.54
CA THR B 170 7.88 35.71 -15.58
C THR B 170 6.58 35.17 -15.01
N PHE B 171 5.53 35.98 -15.13
CA PHE B 171 4.23 35.69 -14.53
C PHE B 171 3.34 34.99 -15.54
N PRO B 172 2.26 34.34 -15.07
CA PRO B 172 1.38 33.61 -15.99
C PRO B 172 0.55 34.55 -16.87
N SER B 173 0.19 34.08 -18.06
CA SER B 173 -0.62 34.88 -18.97
C SER B 173 -2.08 34.95 -18.51
N VAL B 174 -2.73 36.09 -18.76
CA VAL B 174 -4.15 36.27 -18.44
C VAL B 174 -4.88 36.64 -19.73
N LEU B 175 -6.18 36.35 -19.78
CA LEU B 175 -6.94 36.45 -21.03
C LEU B 175 -8.30 37.14 -20.85
N HIS B 176 -8.54 38.18 -21.65
CA HIS B 176 -9.90 38.73 -21.81
C HIS B 176 -10.09 39.43 -23.16
N SER B 177 -11.32 39.42 -23.64
CA SER B 177 -11.66 39.79 -25.02
C SER B 177 -10.78 39.06 -26.05
N GLY B 178 -10.57 37.77 -25.82
CA GLY B 178 -9.92 36.89 -26.80
C GLY B 178 -8.41 36.79 -26.67
N LEU B 179 -7.74 37.94 -26.61
CA LEU B 179 -6.28 37.99 -26.64
C LEU B 179 -5.67 37.81 -25.26
N TYR B 180 -4.44 37.29 -25.24
CA TYR B 180 -3.70 37.04 -24.00
C TYR B 180 -2.87 38.27 -23.62
N SER B 181 -2.54 38.32 -22.34
CA SER B 181 -1.66 39.35 -21.79
C SER B 181 -0.69 38.68 -20.81
N LEU B 182 0.53 39.19 -20.73
CA LEU B 182 1.55 38.58 -19.87
C LEU B 182 2.66 39.59 -19.61
N SER B 183 3.26 39.53 -18.43
CA SER B 183 4.29 40.49 -18.04
C SER B 183 5.49 39.82 -17.38
N SER B 184 6.64 40.45 -17.51
CA SER B 184 7.90 39.94 -16.92
C SER B 184 8.64 41.06 -16.23
N SER B 185 9.60 40.70 -15.37
CA SER B 185 10.34 41.70 -14.58
C SER B 185 11.76 41.27 -14.28
N VAL B 186 12.59 42.25 -13.90
CA VAL B 186 13.99 42.00 -13.58
C VAL B 186 14.48 42.93 -12.47
N THR B 187 14.80 42.38 -11.31
CA THR B 187 15.44 43.13 -10.24
C THR B 187 16.92 43.27 -10.53
N VAL B 188 17.40 44.50 -10.66
CA VAL B 188 18.81 44.75 -10.93
C VAL B 188 19.44 45.57 -9.79
N PRO B 189 20.72 45.30 -9.48
CA PRO B 189 21.45 46.13 -8.52
C PRO B 189 21.27 47.62 -8.82
N SER B 190 20.90 48.39 -7.78
CA SER B 190 20.54 49.80 -7.93
C SER B 190 21.54 50.61 -8.74
N SER B 191 22.84 50.31 -8.59
CA SER B 191 23.90 51.03 -9.28
C SER B 191 23.88 50.83 -10.80
N THR B 192 23.71 49.58 -11.24
CA THR B 192 23.79 49.23 -12.67
C THR B 192 22.82 50.02 -13.55
N TRP B 193 21.54 50.00 -13.20
CA TRP B 193 20.53 50.78 -13.93
C TRP B 193 20.49 52.21 -13.40
N PRO B 194 20.40 53.22 -14.28
CA PRO B 194 20.38 53.19 -15.74
C PRO B 194 21.75 53.46 -16.42
N SER B 195 22.85 53.36 -15.67
CA SER B 195 24.20 53.53 -16.23
C SER B 195 24.49 52.50 -17.31
N GLN B 196 23.95 51.30 -17.12
CA GLN B 196 23.94 50.25 -18.15
C GLN B 196 22.48 50.05 -18.53
N THR B 197 22.21 49.85 -19.82
CA THR B 197 20.85 49.75 -20.31
C THR B 197 20.31 48.34 -20.13
N VAL B 198 19.00 48.24 -19.96
CA VAL B 198 18.31 46.95 -19.91
C VAL B 198 17.21 46.89 -20.98
N THR B 199 17.34 45.93 -21.89
CA THR B 199 16.34 45.68 -22.92
C THR B 199 15.74 44.32 -22.63
N CYS B 200 14.49 44.12 -23.04
CA CYS B 200 13.87 42.81 -22.95
C CYS B 200 13.59 42.31 -24.36
N ASN B 201 13.69 40.99 -24.54
CA ASN B 201 13.54 40.39 -25.85
C ASN B 201 12.33 39.46 -25.82
N VAL B 202 11.27 39.85 -26.52
CA VAL B 202 10.04 39.09 -26.61
C VAL B 202 9.93 38.35 -27.96
N ALA B 203 9.58 37.06 -27.92
CA ALA B 203 9.43 36.21 -29.10
C ALA B 203 8.04 35.56 -29.14
N HIS B 204 7.46 35.48 -30.33
CA HIS B 204 6.11 34.92 -30.52
C HIS B 204 6.09 34.11 -31.81
N PRO B 205 6.60 32.87 -31.75
CA PRO B 205 6.80 32.05 -32.94
C PRO B 205 5.56 31.90 -33.83
N ALA B 206 4.37 31.97 -33.24
CA ALA B 206 3.13 31.89 -34.00
C ALA B 206 2.99 33.06 -34.99
N SER B 207 3.38 34.25 -34.56
CA SER B 207 3.33 35.45 -35.42
C SER B 207 4.69 35.81 -36.05
N SER B 208 5.70 34.95 -35.87
CA SER B 208 7.04 35.14 -36.43
C SER B 208 7.65 36.48 -36.05
N THR B 209 7.56 36.81 -34.77
CA THR B 209 7.85 38.15 -34.28
C THR B 209 8.88 38.16 -33.16
N LYS B 210 9.96 38.92 -33.37
CA LYS B 210 10.97 39.18 -32.33
C LYS B 210 11.06 40.70 -32.12
N VAL B 211 10.87 41.16 -30.88
CA VAL B 211 10.74 42.59 -30.57
C VAL B 211 11.50 43.03 -29.31
N ASP B 212 12.58 43.80 -29.49
CA ASP B 212 13.39 44.32 -28.39
C ASP B 212 12.83 45.65 -27.88
N LYS B 213 12.93 45.88 -26.56
CA LYS B 213 12.39 47.11 -25.95
C LYS B 213 13.18 47.62 -24.74
N LYS B 214 13.90 48.73 -24.94
CA LYS B 214 14.72 49.34 -23.89
C LYS B 214 13.84 49.96 -22.79
N ILE B 215 14.15 49.63 -21.54
CA ILE B 215 13.47 50.23 -20.39
C ILE B 215 14.27 51.43 -19.91
N VAL B 216 13.59 52.56 -19.72
CA VAL B 216 14.25 53.84 -19.48
C VAL B 216 13.48 54.71 -18.48
N PRO B 217 14.21 55.51 -17.66
CA PRO B 217 13.53 56.44 -16.75
C PRO B 217 12.53 57.38 -17.43
N GLY B 218 11.55 57.86 -16.66
CA GLY B 218 10.54 58.79 -17.16
C GLY B 218 10.32 59.95 -16.21
N SER C 1 -0.75 -1.13 7.78
CA SER C 1 -1.18 -2.52 7.46
C SER C 1 -0.42 -3.07 6.25
N TYR C 2 0.90 -2.98 6.30
CA TYR C 2 1.76 -3.38 5.18
C TYR C 2 2.03 -4.89 5.19
N THR C 3 1.97 -5.50 4.00
CA THR C 3 2.20 -6.94 3.83
C THR C 3 3.27 -7.19 2.78
N LEU C 4 4.00 -8.30 2.93
CA LEU C 4 5.02 -8.71 1.97
C LEU C 4 4.74 -10.12 1.45
N THR C 5 4.13 -10.19 0.27
CA THR C 5 3.70 -11.45 -0.31
C THR C 5 4.90 -12.31 -0.74
N GLN C 6 4.84 -13.59 -0.38
CA GLN C 6 5.82 -14.59 -0.81
C GLN C 6 5.08 -15.83 -1.31
N PRO C 7 5.67 -16.57 -2.25
CA PRO C 7 5.10 -17.88 -2.58
C PRO C 7 5.38 -18.87 -1.44
N PRO C 8 4.34 -19.58 -0.96
CA PRO C 8 4.48 -20.40 0.24
C PRO C 8 5.36 -21.64 0.07
N LEU C 9 5.48 -22.13 -1.16
CA LEU C 9 6.28 -23.32 -1.46
C LEU C 9 7.21 -23.12 -2.66
N VAL C 10 8.38 -23.75 -2.63
CA VAL C 10 9.30 -23.82 -3.78
C VAL C 10 10.18 -25.06 -3.71
N SER C 11 10.17 -25.87 -4.77
CA SER C 11 10.92 -27.12 -4.83
C SER C 11 11.89 -27.18 -6.02
N VAL C 12 13.15 -27.51 -5.73
CA VAL C 12 14.15 -27.77 -6.75
C VAL C 12 14.97 -29.01 -6.40
N ALA C 13 15.49 -29.69 -7.41
CA ALA C 13 16.40 -30.81 -7.19
C ALA C 13 17.78 -30.27 -6.80
N LEU C 14 18.61 -31.11 -6.20
CA LEU C 14 19.97 -30.71 -5.81
C LEU C 14 20.78 -30.24 -7.02
N GLY C 15 21.40 -29.06 -6.89
CA GLY C 15 22.22 -28.49 -7.94
C GLY C 15 21.49 -27.55 -8.87
N GLN C 16 20.23 -27.23 -8.55
CA GLN C 16 19.39 -26.35 -9.38
C GLN C 16 19.28 -24.94 -8.79
N LYS C 17 18.82 -24.00 -9.62
CA LYS C 17 18.59 -22.62 -9.20
C LYS C 17 17.20 -22.48 -8.57
N ALA C 18 17.18 -22.19 -7.27
CA ALA C 18 15.95 -21.80 -6.60
C ALA C 18 15.85 -20.27 -6.60
N THR C 19 14.63 -19.77 -6.80
CA THR C 19 14.36 -18.34 -6.81
C THR C 19 13.13 -18.04 -5.96
N ILE C 20 13.34 -17.36 -4.83
CA ILE C 20 12.26 -16.93 -3.96
C ILE C 20 11.95 -15.50 -4.33
N THR C 21 10.70 -15.09 -4.15
CA THR C 21 10.23 -13.79 -4.63
C THR C 21 9.37 -13.07 -3.58
N CYS C 22 9.85 -11.91 -3.12
CA CYS C 22 9.12 -11.07 -2.17
C CYS C 22 8.46 -9.93 -2.93
N SER C 23 7.18 -9.66 -2.64
CA SER C 23 6.45 -8.59 -3.33
C SER C 23 5.68 -7.69 -2.38
N GLY C 24 5.66 -6.39 -2.68
CA GLY C 24 4.97 -5.42 -1.84
C GLY C 24 4.75 -4.10 -2.57
N ASP C 25 3.90 -3.26 -2.00
CA ASP C 25 3.57 -1.97 -2.60
C ASP C 25 4.80 -1.04 -2.60
N LYS C 26 5.36 -0.81 -3.78
CA LYS C 26 6.55 0.01 -3.97
C LYS C 26 7.71 -0.53 -3.11
N LEU C 27 7.94 -1.83 -3.22
CA LEU C 27 8.94 -2.53 -2.40
C LEU C 27 10.38 -2.09 -2.70
N SER C 28 10.63 -1.62 -3.92
CA SER C 28 11.99 -1.23 -4.31
C SER C 28 12.52 0.00 -3.56
N ASP C 29 11.62 0.88 -3.14
CA ASP C 29 11.99 2.07 -2.37
C ASP C 29 12.73 1.70 -1.09
N VAL C 30 12.18 0.73 -0.35
CA VAL C 30 12.71 0.32 0.94
C VAL C 30 13.74 -0.78 0.77
N TYR C 31 14.62 -0.94 1.77
CA TYR C 31 15.55 -2.07 1.83
C TYR C 31 14.83 -3.37 2.17
N VAL C 32 15.28 -4.46 1.56
CA VAL C 32 14.78 -5.80 1.87
C VAL C 32 15.93 -6.67 2.33
N HIS C 33 15.69 -7.42 3.41
CA HIS C 33 16.66 -8.31 4.00
C HIS C 33 16.07 -9.70 4.02
N TRP C 34 16.87 -10.71 3.68
CA TRP C 34 16.42 -12.11 3.65
C TRP C 34 17.02 -12.90 4.82
N TYR C 35 16.22 -13.80 5.39
CA TYR C 35 16.66 -14.68 6.47
C TYR C 35 16.39 -16.14 6.15
N GLN C 36 17.08 -17.02 6.85
CA GLN C 36 16.96 -18.46 6.66
C GLN C 36 16.64 -19.10 8.00
N GLN C 37 15.53 -19.83 8.08
CA GLN C 37 15.13 -20.49 9.31
C GLN C 37 14.94 -21.97 9.10
N LYS C 38 15.65 -22.78 9.88
CA LYS C 38 15.44 -24.21 9.89
C LYS C 38 14.62 -24.56 11.11
N ALA C 39 13.71 -25.52 10.97
CA ALA C 39 12.69 -25.84 11.97
C ALA C 39 13.28 -26.04 13.36
N GLY C 40 12.73 -25.35 14.34
CA GLY C 40 13.20 -25.48 15.73
C GLY C 40 14.42 -24.63 16.08
N GLN C 41 14.96 -23.93 15.09
CA GLN C 41 16.10 -23.04 15.30
C GLN C 41 15.68 -21.61 15.00
N ALA C 42 16.44 -20.66 15.55
CA ALA C 42 16.19 -19.25 15.31
C ALA C 42 16.70 -18.86 13.92
N PRO C 43 16.14 -17.79 13.32
CA PRO C 43 16.55 -17.31 12.00
C PRO C 43 17.99 -16.82 11.92
N VAL C 44 18.59 -16.98 10.73
CA VAL C 44 19.94 -16.53 10.41
C VAL C 44 19.89 -15.60 9.20
N LEU C 45 20.56 -14.46 9.29
CA LEU C 45 20.52 -13.46 8.21
C LEU C 45 21.33 -13.94 7.01
N VAL C 46 20.64 -14.27 5.93
CA VAL C 46 21.30 -14.78 4.74
C VAL C 46 21.73 -13.65 3.78
N ILE C 47 20.90 -12.63 3.61
CA ILE C 47 21.27 -11.43 2.83
C ILE C 47 20.58 -10.18 3.38
N TYR C 48 21.23 -9.03 3.27
CA TYR C 48 20.68 -7.77 3.76
C TYR C 48 20.91 -6.60 2.81
N GLU C 49 20.07 -5.58 2.93
CA GLU C 49 20.09 -4.41 2.05
C GLU C 49 20.05 -4.82 0.58
N ASP C 50 19.00 -5.55 0.22
CA ASP C 50 18.72 -5.99 -1.16
C ASP C 50 19.68 -7.04 -1.72
N ASN C 51 20.99 -6.78 -1.70
CA ASN C 51 21.96 -7.73 -2.26
C ASN C 51 23.33 -7.71 -1.59
N ARG C 52 23.35 -7.86 -0.26
CA ARG C 52 24.60 -7.86 0.50
C ARG C 52 24.71 -9.06 1.43
N ARG C 53 25.91 -9.65 1.49
CA ARG C 53 26.17 -10.86 2.27
C ARG C 53 26.83 -10.56 3.60
N PRO C 54 26.28 -11.11 4.70
CA PRO C 54 26.96 -10.97 5.98
C PRO C 54 28.08 -12.00 6.09
N SER C 55 29.16 -11.60 6.75
CA SER C 55 30.36 -12.44 6.87
C SER C 55 30.03 -13.88 7.27
N GLY C 56 30.71 -14.83 6.63
CA GLY C 56 30.54 -16.25 6.94
C GLY C 56 29.60 -16.99 6.02
N ILE C 57 28.52 -16.33 5.59
CA ILE C 57 27.51 -16.96 4.74
C ILE C 57 28.05 -17.29 3.35
N PRO C 58 27.77 -18.51 2.84
CA PRO C 58 28.27 -18.98 1.52
C PRO C 58 28.02 -18.02 0.35
N ASP C 59 28.89 -18.09 -0.66
CA ASP C 59 28.80 -17.21 -1.83
C ASP C 59 27.81 -17.66 -2.92
N HIS C 60 27.14 -18.80 -2.73
CA HIS C 60 26.13 -19.24 -3.69
C HIS C 60 24.76 -18.60 -3.44
N PHE C 61 24.62 -17.83 -2.36
CA PHE C 61 23.43 -17.00 -2.12
C PHE C 61 23.58 -15.65 -2.83
N SER C 62 22.48 -15.11 -3.35
CA SER C 62 22.48 -13.76 -3.92
C SER C 62 21.07 -13.15 -3.96
N GLY C 63 20.98 -11.83 -3.87
CA GLY C 63 19.71 -11.13 -3.88
C GLY C 63 19.65 -10.01 -4.92
N SER C 64 18.48 -9.42 -5.06
CA SER C 64 18.27 -8.28 -5.97
C SER C 64 16.90 -7.66 -5.72
N ASN C 65 16.76 -6.39 -6.09
CA ASN C 65 15.52 -5.65 -5.84
C ASN C 65 15.28 -4.57 -6.91
N SER C 66 14.34 -4.85 -7.80
CA SER C 66 13.90 -3.87 -8.80
C SER C 66 12.46 -4.15 -9.21
N GLY C 67 11.70 -3.08 -9.46
CA GLY C 67 10.25 -3.17 -9.64
C GLY C 67 9.58 -3.21 -8.28
N ASN C 68 8.74 -4.22 -8.07
CA ASN C 68 8.19 -4.51 -6.74
C ASN C 68 8.64 -5.90 -6.28
N MET C 69 9.60 -6.48 -7.01
CA MET C 69 10.06 -7.83 -6.76
C MET C 69 11.44 -7.80 -6.11
N ALA C 70 11.48 -8.17 -4.83
CA ALA C 70 12.72 -8.57 -4.18
C ALA C 70 12.81 -10.08 -4.40
N THR C 71 14.00 -10.58 -4.74
CA THR C 71 14.18 -12.01 -4.98
C THR C 71 15.53 -12.55 -4.49
N LEU C 72 15.48 -13.68 -3.78
CA LEU C 72 16.71 -14.38 -3.34
C LEU C 72 16.98 -15.56 -4.26
N THR C 73 18.15 -15.56 -4.88
CA THR C 73 18.56 -16.66 -5.75
C THR C 73 19.53 -17.57 -5.00
N ILE C 74 19.19 -18.85 -4.94
CA ILE C 74 20.09 -19.87 -4.41
C ILE C 74 20.58 -20.65 -5.61
N SER C 75 21.89 -20.74 -5.77
CA SER C 75 22.49 -21.34 -6.96
C SER C 75 23.21 -22.63 -6.60
N LYS C 76 23.04 -23.65 -7.43
CA LYS C 76 23.55 -25.00 -7.14
C LYS C 76 23.13 -25.43 -5.74
N ALA C 77 21.81 -25.42 -5.51
CA ALA C 77 21.23 -25.68 -4.19
C ALA C 77 21.75 -26.98 -3.54
N GLN C 78 22.10 -26.88 -2.26
CA GLN C 78 22.59 -28.02 -1.49
C GLN C 78 21.53 -28.46 -0.50
N ALA C 79 21.73 -29.62 0.10
CA ALA C 79 20.79 -30.13 1.11
C ALA C 79 20.62 -29.13 2.26
N GLY C 80 21.73 -28.53 2.69
CA GLY C 80 21.72 -27.56 3.78
C GLY C 80 20.89 -26.33 3.50
N ASP C 81 20.66 -26.03 2.23
CA ASP C 81 19.89 -24.85 1.85
C ASP C 81 18.39 -25.01 2.07
N GLU C 82 17.92 -26.24 2.32
CA GLU C 82 16.53 -26.46 2.69
C GLU C 82 16.21 -25.77 4.00
N ALA C 83 15.27 -24.82 3.95
CA ALA C 83 14.80 -24.12 5.14
C ALA C 83 13.56 -23.29 4.82
N ASP C 84 13.02 -22.61 5.82
CA ASP C 84 12.04 -21.56 5.61
C ASP C 84 12.80 -20.27 5.33
N TYR C 85 12.24 -19.43 4.47
CA TYR C 85 12.87 -18.18 4.08
C TYR C 85 11.88 -17.02 4.22
N TYR C 86 12.36 -15.90 4.74
CA TYR C 86 11.52 -14.73 4.97
C TYR C 86 12.25 -13.48 4.49
N CYS C 87 11.54 -12.64 3.73
CA CYS C 87 12.03 -11.29 3.44
C CYS C 87 11.58 -10.39 4.58
N GLN C 88 12.18 -9.20 4.65
CA GLN C 88 11.90 -8.26 5.73
C GLN C 88 12.11 -6.82 5.27
N SER C 89 11.29 -5.90 5.79
CA SER C 89 11.42 -4.48 5.44
C SER C 89 11.00 -3.58 6.59
N TRP C 90 11.15 -2.27 6.36
CA TRP C 90 10.73 -1.25 7.29
C TRP C 90 9.74 -0.31 6.56
N ASP C 91 8.75 0.22 7.26
CA ASP C 91 7.85 1.24 6.69
C ASP C 91 7.59 2.40 7.65
N GLY C 92 7.46 3.60 7.08
CA GLY C 92 7.31 4.82 7.86
C GLY C 92 5.86 5.27 8.04
N THR C 93 5.05 5.08 7.02
CA THR C 93 3.62 5.46 7.04
C THR C 93 3.00 5.10 8.39
N ASN C 94 3.31 3.88 8.84
CA ASN C 94 3.13 3.46 10.23
C ASN C 94 4.41 2.75 10.66
N SER C 95 5.09 3.33 11.65
CA SER C 95 6.45 2.89 12.03
C SER C 95 6.47 1.47 12.60
N ALA C 96 6.97 0.54 11.80
CA ALA C 96 7.07 -0.87 12.19
C ALA C 96 7.91 -1.66 11.19
N TRP C 97 8.46 -2.77 11.65
CA TRP C 97 9.10 -3.75 10.77
C TRP C 97 8.04 -4.74 10.28
N VAL C 98 8.27 -5.34 9.11
CA VAL C 98 7.28 -6.24 8.49
C VAL C 98 7.97 -7.46 7.90
N PHE C 99 7.44 -8.64 8.21
CA PHE C 99 7.96 -9.90 7.69
C PHE C 99 7.08 -10.42 6.57
N GLY C 100 7.66 -11.29 5.74
CA GLY C 100 6.92 -11.93 4.65
C GLY C 100 6.16 -13.15 5.13
N SER C 101 5.20 -13.58 4.32
CA SER C 101 4.36 -14.75 4.62
C SER C 101 5.17 -16.04 4.81
N GLY C 102 6.32 -16.12 4.13
CA GLY C 102 7.22 -17.26 4.27
C GLY C 102 7.32 -18.04 2.98
N THR C 103 8.44 -18.73 2.80
CA THR C 103 8.66 -19.58 1.63
C THR C 103 9.43 -20.84 2.05
N LYS C 104 8.74 -21.97 2.15
CA LYS C 104 9.40 -23.24 2.40
C LYS C 104 10.10 -23.65 1.13
N VAL C 105 11.43 -23.68 1.18
CA VAL C 105 12.24 -24.13 0.07
C VAL C 105 12.66 -25.57 0.35
N THR C 106 12.14 -26.51 -0.43
CA THR C 106 12.55 -27.90 -0.32
C THR C 106 13.59 -28.19 -1.39
N VAL C 107 14.72 -28.75 -1.00
CA VAL C 107 15.66 -29.29 -1.96
C VAL C 107 15.42 -30.79 -2.02
N LEU C 108 14.96 -31.27 -3.17
CA LEU C 108 14.71 -32.68 -3.39
C LEU C 108 16.00 -33.41 -3.70
N GLY C 109 16.40 -34.33 -2.81
CA GLY C 109 17.65 -35.07 -2.95
C GLY C 109 17.48 -36.56 -3.15
N GLN C 110 16.25 -37.00 -3.43
CA GLN C 110 15.97 -38.40 -3.71
C GLN C 110 14.61 -38.50 -4.43
N PRO C 111 14.34 -39.64 -5.08
CA PRO C 111 13.07 -39.75 -5.80
C PRO C 111 11.86 -39.57 -4.89
N ASN C 112 10.78 -39.02 -5.44
CA ASN C 112 9.54 -38.85 -4.71
C ASN C 112 8.89 -40.19 -4.45
N ALA C 113 8.91 -40.62 -3.19
CA ALA C 113 8.38 -41.92 -2.80
C ALA C 113 6.92 -41.81 -2.36
N ALA C 114 6.10 -42.75 -2.85
CA ALA C 114 4.69 -42.81 -2.51
C ALA C 114 4.55 -43.30 -1.07
N PRO C 115 3.45 -42.91 -0.39
CA PRO C 115 3.28 -43.27 1.01
C PRO C 115 2.76 -44.70 1.18
N SER C 116 2.83 -45.18 2.41
CA SER C 116 2.20 -46.45 2.81
C SER C 116 1.22 -46.14 3.91
N VAL C 117 -0.07 -46.35 3.63
CA VAL C 117 -1.13 -46.11 4.61
C VAL C 117 -1.43 -47.36 5.43
N THR C 118 -1.87 -47.18 6.67
CA THR C 118 -2.28 -48.28 7.52
C THR C 118 -3.45 -47.84 8.40
N LEU C 119 -4.63 -48.34 8.09
CA LEU C 119 -5.85 -47.88 8.73
C LEU C 119 -6.25 -48.84 9.85
N PHE C 120 -6.13 -48.38 11.09
CA PHE C 120 -6.57 -49.16 12.25
C PHE C 120 -8.02 -48.83 12.64
N PRO C 121 -8.77 -49.84 13.14
CA PRO C 121 -10.10 -49.60 13.67
C PRO C 121 -10.03 -49.22 15.15
N PRO C 122 -11.17 -48.85 15.74
CA PRO C 122 -11.16 -48.47 17.15
C PRO C 122 -11.09 -49.71 18.04
N SER C 123 -10.35 -49.61 19.13
CA SER C 123 -10.21 -50.71 20.08
C SER C 123 -11.50 -50.94 20.85
N SER C 124 -11.83 -52.21 21.07
CA SER C 124 -12.93 -52.61 21.93
C SER C 124 -12.86 -51.87 23.26
N GLU C 125 -11.62 -51.70 23.74
CA GLU C 125 -11.36 -51.00 25.00
C GLU C 125 -11.96 -49.59 24.95
N GLU C 126 -11.59 -48.83 23.92
CA GLU C 126 -12.08 -47.46 23.73
C GLU C 126 -13.60 -47.38 23.55
N LEU C 127 -14.17 -48.35 22.83
CA LEU C 127 -15.60 -48.32 22.51
C LEU C 127 -16.48 -48.38 23.77
N LYS C 128 -15.99 -49.06 24.81
CA LYS C 128 -16.69 -49.11 26.11
C LYS C 128 -16.69 -47.75 26.82
N THR C 129 -15.87 -46.81 26.34
CA THR C 129 -15.95 -45.41 26.76
C THR C 129 -16.93 -44.64 25.88
N ASN C 130 -17.64 -45.33 25.01
CA ASN C 130 -18.49 -44.68 23.99
C ASN C 130 -17.71 -43.67 23.13
N GLN C 131 -16.48 -44.04 22.77
CA GLN C 131 -15.65 -43.21 21.89
C GLN C 131 -15.12 -44.05 20.73
N ALA C 132 -14.96 -43.41 19.57
CA ALA C 132 -14.46 -44.08 18.38
C ALA C 132 -13.36 -43.24 17.71
N THR C 133 -12.15 -43.78 17.67
CA THR C 133 -11.04 -43.15 16.94
C THR C 133 -10.57 -44.10 15.84
N LEU C 134 -10.32 -43.55 14.65
CA LEU C 134 -9.70 -44.31 13.58
C LEU C 134 -8.32 -43.75 13.31
N VAL C 135 -7.32 -44.62 13.28
CA VAL C 135 -5.93 -44.19 13.09
C VAL C 135 -5.44 -44.57 11.70
N CYS C 136 -5.18 -43.55 10.88
CA CYS C 136 -4.70 -43.73 9.50
C CYS C 136 -3.23 -43.33 9.45
N MET C 137 -2.35 -44.32 9.48
CA MET C 137 -0.90 -44.08 9.57
C MET C 137 -0.21 -44.04 8.21
N ILE C 138 0.53 -42.97 7.94
CA ILE C 138 1.11 -42.72 6.63
C ILE C 138 2.63 -42.78 6.74
N ASN C 139 3.26 -43.61 5.91
CA ASN C 139 4.68 -43.91 6.03
C ASN C 139 5.44 -43.89 4.72
N GLY C 140 6.76 -43.74 4.83
CA GLY C 140 7.70 -43.92 3.71
C GLY C 140 7.56 -42.98 2.52
N PHE C 141 7.07 -41.77 2.75
CA PHE C 141 6.86 -40.81 1.67
C PHE C 141 7.84 -39.63 1.69
N TYR C 142 8.10 -39.08 0.51
CA TYR C 142 9.05 -37.98 0.33
C TYR C 142 8.67 -37.19 -0.91
N PRO C 143 8.68 -35.85 -0.85
CA PRO C 143 9.01 -34.97 0.27
C PRO C 143 7.88 -34.91 1.29
N ALA C 144 8.06 -34.08 2.33
CA ALA C 144 7.17 -34.05 3.48
C ALA C 144 5.88 -33.29 3.22
N ASP C 145 5.19 -33.65 2.13
CA ASP C 145 4.03 -32.90 1.66
C ASP C 145 2.87 -33.83 1.33
N VAL C 146 1.94 -33.95 2.26
CA VAL C 146 0.81 -34.86 2.14
C VAL C 146 -0.49 -34.19 2.58
N ALA C 147 -1.57 -34.46 1.86
CA ALA C 147 -2.91 -33.98 2.23
C ALA C 147 -3.83 -35.18 2.38
N VAL C 148 -4.44 -35.31 3.56
CA VAL C 148 -5.31 -36.44 3.89
C VAL C 148 -6.78 -36.07 3.68
N THR C 149 -7.59 -37.07 3.35
CA THR C 149 -9.04 -36.90 3.16
C THR C 149 -9.80 -38.12 3.65
N TRP C 150 -10.62 -37.94 4.67
CA TRP C 150 -11.48 -39.01 5.18
C TRP C 150 -12.80 -39.03 4.41
N GLU C 151 -13.32 -40.23 4.17
CA GLU C 151 -14.59 -40.40 3.45
C GLU C 151 -15.41 -41.52 4.09
N ALA C 152 -16.63 -41.19 4.52
CA ALA C 152 -17.52 -42.14 5.17
C ALA C 152 -18.78 -42.34 4.34
N ASP C 153 -18.94 -43.54 3.78
CA ASP C 153 -20.07 -43.88 2.89
C ASP C 153 -20.16 -42.95 1.68
N GLY C 154 -19.01 -42.49 1.19
CA GLY C 154 -18.98 -41.54 0.08
C GLY C 154 -19.43 -40.15 0.49
N THR C 155 -19.09 -39.77 1.73
CA THR C 155 -19.41 -38.45 2.25
C THR C 155 -18.15 -37.87 2.90
N PRO C 156 -17.44 -37.00 2.16
CA PRO C 156 -16.23 -36.37 2.72
C PRO C 156 -16.43 -35.84 4.14
N ILE C 157 -15.86 -36.56 5.12
CA ILE C 157 -15.98 -36.18 6.52
C ILE C 157 -14.89 -35.17 6.87
N THR C 158 -15.30 -33.94 7.16
CA THR C 158 -14.38 -32.85 7.48
C THR C 158 -14.15 -32.76 8.99
N GLN C 159 -15.24 -32.74 9.76
CA GLN C 159 -15.17 -32.58 11.21
C GLN C 159 -14.67 -33.82 11.94
N GLY C 160 -14.30 -33.65 13.20
CA GLY C 160 -13.76 -34.74 14.02
C GLY C 160 -12.44 -35.31 13.55
N VAL C 161 -11.73 -34.56 12.72
CA VAL C 161 -10.46 -35.00 12.12
C VAL C 161 -9.31 -34.16 12.66
N LYS C 162 -8.12 -34.75 12.70
CA LYS C 162 -6.89 -34.00 12.98
C LYS C 162 -5.68 -34.80 12.53
N THR C 163 -4.70 -34.12 11.96
CA THR C 163 -3.55 -34.76 11.30
C THR C 163 -2.24 -34.11 11.74
N THR C 164 -1.21 -34.92 11.95
CA THR C 164 0.07 -34.41 12.41
C THR C 164 0.86 -33.75 11.30
N GLN C 165 1.73 -32.83 11.67
CA GLN C 165 2.70 -32.28 10.75
C GLN C 165 3.70 -33.39 10.44
N PRO C 166 4.19 -33.45 9.20
CA PRO C 166 5.10 -34.54 8.87
C PRO C 166 6.46 -34.35 9.55
N SER C 167 7.01 -35.46 10.05
CA SER C 167 8.29 -35.46 10.74
C SER C 167 9.17 -36.54 10.12
N LYS C 168 10.49 -36.34 10.17
CA LYS C 168 11.42 -37.18 9.41
C LYS C 168 11.67 -38.53 10.10
N SER C 169 11.92 -39.55 9.28
CA SER C 169 12.16 -40.92 9.76
C SER C 169 13.09 -41.64 8.78
N ASP C 170 14.35 -41.76 9.18
CA ASP C 170 15.42 -42.20 8.29
C ASP C 170 15.50 -41.20 7.12
N SER C 171 15.36 -41.66 5.87
CA SER C 171 15.46 -40.75 4.73
C SER C 171 14.16 -39.97 4.50
N LYS C 172 13.04 -40.58 4.90
CA LYS C 172 11.72 -40.14 4.47
C LYS C 172 10.86 -39.61 5.62
N TYR C 173 9.64 -39.18 5.31
CA TYR C 173 8.74 -38.57 6.30
C TYR C 173 7.58 -39.50 6.66
N MET C 174 6.92 -39.18 7.76
CA MET C 174 5.79 -39.96 8.25
C MET C 174 4.79 -39.05 8.94
N ALA C 175 3.53 -39.41 8.89
CA ALA C 175 2.48 -38.67 9.58
C ALA C 175 1.29 -39.57 9.84
N THR C 176 0.46 -39.19 10.82
CA THR C 176 -0.78 -39.89 11.07
C THR C 176 -1.94 -38.93 11.15
N SER C 177 -3.13 -39.46 10.89
CA SER C 177 -4.35 -38.69 10.96
C SER C 177 -5.39 -39.52 11.67
N TYR C 178 -6.21 -38.84 12.48
CA TYR C 178 -7.21 -39.47 13.32
C TYR C 178 -8.60 -39.06 12.86
N LEU C 179 -9.59 -39.84 13.24
CA LEU C 179 -10.99 -39.45 13.03
C LEU C 179 -11.80 -39.83 14.27
N THR C 180 -12.05 -38.84 15.12
CA THR C 180 -12.74 -39.04 16.39
C THR C 180 -14.25 -39.14 16.20
N MET C 181 -14.90 -39.91 17.06
CA MET C 181 -16.34 -40.18 16.95
C MET C 181 -16.96 -40.61 18.27
N THR C 182 -18.29 -40.78 18.26
CA THR C 182 -19.00 -41.45 19.33
C THR C 182 -19.08 -42.93 18.96
N ALA C 183 -19.01 -43.80 19.96
CA ALA C 183 -18.92 -45.25 19.70
C ALA C 183 -19.99 -45.75 18.73
N ASP C 184 -21.25 -45.38 18.96
CA ASP C 184 -22.36 -45.81 18.10
C ASP C 184 -22.24 -45.23 16.68
N ALA C 185 -21.60 -44.07 16.56
CA ALA C 185 -21.34 -43.45 15.26
C ALA C 185 -20.50 -44.36 14.37
N TRP C 186 -19.55 -45.07 14.98
CA TRP C 186 -18.73 -46.05 14.27
C TRP C 186 -19.55 -47.26 13.80
N LYS C 187 -20.33 -47.84 14.70
CA LYS C 187 -21.07 -49.08 14.42
C LYS C 187 -22.21 -48.90 13.41
N SER C 188 -22.82 -47.72 13.42
CA SER C 188 -23.91 -47.40 12.50
C SER C 188 -23.47 -47.31 11.04
N ARG C 189 -22.26 -46.81 10.81
CA ARG C 189 -21.75 -46.58 9.45
C ARG C 189 -21.38 -47.86 8.70
N ASN C 190 -21.29 -47.74 7.37
CA ASN C 190 -21.00 -48.87 6.48
C ASN C 190 -19.51 -49.02 6.17
N THR C 191 -18.90 -47.96 5.62
CA THR C 191 -17.50 -48.00 5.19
C THR C 191 -16.79 -46.67 5.45
N PHE C 192 -15.58 -46.76 6.00
CA PHE C 192 -14.72 -45.60 6.21
C PHE C 192 -13.46 -45.73 5.35
N ILE C 193 -12.94 -44.61 4.87
CA ILE C 193 -11.70 -44.57 4.10
C ILE C 193 -10.88 -43.32 4.42
N CYS C 194 -9.56 -43.47 4.46
CA CYS C 194 -8.66 -42.30 4.46
C CYS C 194 -7.89 -42.24 3.13
N LYS C 195 -8.13 -41.19 2.36
CA LYS C 195 -7.35 -40.91 1.16
C LYS C 195 -6.16 -40.04 1.54
N VAL C 196 -4.98 -40.47 1.11
CA VAL C 196 -3.76 -39.68 1.26
C VAL C 196 -3.30 -39.29 -0.14
N THR C 197 -3.21 -37.99 -0.39
CA THR C 197 -2.63 -37.48 -1.63
C THR C 197 -1.16 -37.11 -1.41
N HIS C 198 -0.34 -37.36 -2.43
CA HIS C 198 1.05 -36.95 -2.44
C HIS C 198 1.51 -36.87 -3.90
N GLY C 199 2.13 -35.76 -4.27
CA GLY C 199 2.44 -35.50 -5.68
C GLY C 199 1.17 -35.59 -6.51
N GLY C 200 1.23 -36.35 -7.60
CA GLY C 200 0.06 -36.63 -8.42
C GLY C 200 -0.44 -38.04 -8.16
N ASN C 201 -0.57 -38.39 -6.89
CA ASN C 201 -0.91 -39.76 -6.49
C ASN C 201 -1.92 -39.81 -5.35
N THR C 202 -2.67 -40.91 -5.31
CA THR C 202 -3.67 -41.15 -4.27
C THR C 202 -3.54 -42.60 -3.79
N VAL C 203 -3.77 -42.80 -2.50
CA VAL C 203 -3.65 -44.14 -1.90
C VAL C 203 -4.76 -44.30 -0.85
N GLU C 204 -5.68 -45.22 -1.11
CA GLU C 204 -6.85 -45.42 -0.25
C GLU C 204 -6.73 -46.66 0.62
N LYS C 205 -7.43 -46.65 1.74
CA LYS C 205 -7.52 -47.80 2.65
C LYS C 205 -8.91 -47.86 3.25
N SER C 206 -9.43 -49.06 3.42
CA SER C 206 -10.82 -49.25 3.83
C SER C 206 -10.98 -49.75 5.25
N LEU C 207 -12.21 -49.66 5.75
CA LEU C 207 -12.55 -50.08 7.11
C LEU C 207 -14.07 -50.09 7.25
N SER C 208 -14.65 -51.28 7.34
CA SER C 208 -16.09 -51.46 7.42
C SER C 208 -16.43 -52.21 8.71
N PRO C 209 -17.35 -51.66 9.54
CA PRO C 209 -17.77 -52.40 10.73
C PRO C 209 -18.72 -53.55 10.39
N GLN D 1 31.40 -13.56 20.01
CA GLN D 1 31.15 -12.85 21.30
C GLN D 1 29.67 -12.48 21.45
N VAL D 2 29.16 -11.70 20.50
CA VAL D 2 27.80 -11.13 20.58
C VAL D 2 26.76 -12.24 20.73
N GLN D 3 26.05 -12.22 21.86
CA GLN D 3 25.17 -13.32 22.24
C GLN D 3 23.94 -12.85 23.01
N LEU D 4 22.78 -13.35 22.59
CA LEU D 4 21.51 -13.06 23.25
C LEU D 4 20.88 -14.39 23.68
N LYS D 5 20.51 -14.49 24.95
CA LYS D 5 19.85 -15.68 25.48
C LYS D 5 18.54 -15.30 26.17
N GLU D 6 17.43 -15.85 25.68
CA GLU D 6 16.12 -15.58 26.26
C GLU D 6 15.88 -16.46 27.48
N SER D 7 15.04 -15.98 28.39
CA SER D 7 14.67 -16.72 29.58
C SER D 7 13.29 -16.29 30.05
N GLY D 8 12.65 -17.17 30.82
CA GLY D 8 11.29 -16.93 31.29
C GLY D 8 10.47 -18.21 31.29
N PRO D 9 9.26 -18.18 31.91
CA PRO D 9 8.44 -19.37 32.11
C PRO D 9 7.81 -19.91 30.82
N GLY D 10 7.77 -21.23 30.69
CA GLY D 10 7.19 -21.88 29.50
C GLY D 10 5.68 -21.85 29.51
N LEU D 11 5.09 -22.54 30.50
CA LEU D 11 3.65 -22.79 30.53
C LEU D 11 2.90 -21.74 31.35
N LEU D 12 1.96 -21.05 30.71
CA LEU D 12 1.08 -20.10 31.39
C LEU D 12 -0.37 -20.45 31.07
N GLN D 13 -1.30 -19.68 31.63
CA GLN D 13 -2.74 -19.89 31.39
C GLN D 13 -3.41 -18.56 31.02
N PRO D 14 -4.60 -18.62 30.38
CA PRO D 14 -5.21 -17.45 29.73
C PRO D 14 -5.60 -16.28 30.67
N SER D 15 -4.67 -15.88 31.53
CA SER D 15 -4.88 -14.79 32.48
C SER D 15 -3.56 -14.11 32.86
N GLN D 16 -2.55 -14.93 33.17
CA GLN D 16 -1.25 -14.47 33.65
C GLN D 16 -0.53 -13.54 32.68
N THR D 17 0.53 -12.89 33.18
CA THR D 17 1.33 -11.96 32.38
C THR D 17 2.69 -12.57 32.05
N LEU D 18 2.92 -12.82 30.76
CA LEU D 18 4.20 -13.35 30.28
C LEU D 18 5.32 -12.35 30.54
N SER D 19 6.44 -12.86 31.06
CA SER D 19 7.62 -12.04 31.29
C SER D 19 8.87 -12.79 30.85
N LEU D 20 9.55 -12.23 29.84
CA LEU D 20 10.79 -12.81 29.35
C LEU D 20 11.93 -11.81 29.55
N THR D 21 13.14 -12.34 29.74
CA THR D 21 14.35 -11.53 29.84
C THR D 21 15.38 -12.01 28.84
N CYS D 22 15.68 -11.17 27.86
CA CYS D 22 16.73 -11.42 26.90
C CYS D 22 18.02 -10.82 27.44
N THR D 23 18.93 -11.69 27.88
CA THR D 23 20.20 -11.25 28.44
C THR D 23 21.23 -11.17 27.34
N VAL D 24 21.82 -9.99 27.18
CA VAL D 24 22.79 -9.74 26.12
C VAL D 24 24.20 -9.92 26.68
N SER D 25 25.15 -10.27 25.82
CA SER D 25 26.56 -10.38 26.22
C SER D 25 27.48 -10.28 25.03
N GLY D 26 28.65 -9.67 25.23
CA GLY D 26 29.60 -9.40 24.14
C GLY D 26 29.47 -8.00 23.56
N ILE D 27 28.40 -7.28 23.95
CA ILE D 27 28.17 -5.91 23.55
C ILE D 27 27.53 -5.15 24.73
N SER D 28 27.02 -3.95 24.47
CA SER D 28 26.37 -3.16 25.51
C SER D 28 25.02 -2.63 25.03
N LEU D 29 24.02 -2.76 25.89
CA LEU D 29 22.67 -2.27 25.58
C LEU D 29 22.64 -0.76 25.39
N SER D 30 23.55 -0.06 26.06
CA SER D 30 23.63 1.40 25.98
C SER D 30 23.96 1.91 24.57
N ASP D 31 24.51 1.05 23.72
CA ASP D 31 24.80 1.42 22.32
C ASP D 31 24.30 0.39 21.29
N TYR D 32 23.30 -0.41 21.68
CA TYR D 32 22.62 -1.31 20.74
C TYR D 32 21.18 -1.57 21.18
N GLY D 33 20.24 -1.42 20.25
CA GLY D 33 18.83 -1.72 20.50
C GLY D 33 18.54 -3.20 20.33
N VAL D 34 17.39 -3.63 20.86
CA VAL D 34 17.02 -5.04 20.86
C VAL D 34 15.58 -5.22 20.41
N HIS D 35 15.36 -6.12 19.45
CA HIS D 35 14.03 -6.41 18.94
C HIS D 35 13.45 -7.65 19.59
N TRP D 36 12.11 -7.73 19.66
CA TRP D 36 11.39 -8.96 20.02
C TRP D 36 10.49 -9.44 18.87
N VAL D 37 10.73 -10.66 18.40
CA VAL D 37 9.94 -11.28 17.32
C VAL D 37 9.33 -12.58 17.84
N ARG D 38 8.12 -12.91 17.34
CA ARG D 38 7.48 -14.19 17.69
C ARG D 38 6.94 -14.94 16.45
N GLN D 39 6.65 -16.23 16.64
CA GLN D 39 6.30 -17.11 15.53
C GLN D 39 5.38 -18.24 16.02
N ALA D 40 4.09 -18.13 15.71
CA ALA D 40 3.09 -19.12 16.13
C ALA D 40 3.28 -20.45 15.39
N PRO D 41 3.04 -21.58 16.08
CA PRO D 41 3.27 -22.91 15.52
C PRO D 41 2.94 -23.03 14.03
N GLY D 42 3.97 -23.23 13.20
CA GLY D 42 3.79 -23.37 11.76
C GLY D 42 3.33 -22.11 11.03
N LYS D 43 3.55 -20.95 11.64
CA LYS D 43 3.24 -19.65 11.02
C LYS D 43 4.50 -18.81 10.88
N GLY D 44 4.36 -17.65 10.24
CA GLY D 44 5.49 -16.78 9.96
C GLY D 44 5.92 -15.95 11.16
N LEU D 45 7.02 -15.24 10.98
CA LEU D 45 7.57 -14.37 12.02
C LEU D 45 6.76 -13.09 12.11
N GLU D 46 6.47 -12.66 13.34
CA GLU D 46 5.75 -11.43 13.61
C GLU D 46 6.59 -10.55 14.53
N TRP D 47 6.89 -9.33 14.10
CA TRP D 47 7.66 -8.38 14.92
C TRP D 47 6.77 -7.77 15.99
N MET D 48 7.23 -7.82 17.24
CA MET D 48 6.47 -7.30 18.37
C MET D 48 6.89 -5.87 18.66
N GLY D 49 8.17 -5.67 18.93
CA GLY D 49 8.68 -4.33 19.22
C GLY D 49 10.19 -4.21 19.29
N ILE D 50 10.66 -2.99 19.52
CA ILE D 50 12.08 -2.74 19.70
C ILE D 50 12.24 -1.77 20.87
N ILE D 51 13.35 -1.91 21.59
CA ILE D 51 13.80 -0.86 22.52
C ILE D 51 15.19 -0.41 22.05
N GLY D 52 15.31 0.87 21.71
CA GLY D 52 16.51 1.39 21.07
C GLY D 52 17.71 1.55 21.99
N HIS D 53 18.84 1.94 21.42
CA HIS D 53 20.08 2.10 22.19
C HIS D 53 20.04 3.29 23.14
N ALA D 54 19.24 4.30 22.80
CA ALA D 54 19.04 5.47 23.67
C ALA D 54 17.81 5.30 24.58
N GLY D 55 17.15 4.14 24.52
CA GLY D 55 16.04 3.82 25.42
C GLY D 55 14.64 3.96 24.83
N GLY D 56 14.51 4.68 23.71
CA GLY D 56 13.23 4.88 23.05
C GLY D 56 12.72 3.59 22.41
N THR D 57 11.42 3.35 22.53
CA THR D 57 10.81 2.11 22.06
C THR D 57 9.78 2.32 20.94
N ASP D 58 9.32 1.21 20.36
CA ASP D 58 8.34 1.21 19.28
C ASP D 58 7.69 -0.18 19.21
N TYR D 59 6.35 -0.23 19.17
CA TYR D 59 5.62 -1.51 19.19
C TYR D 59 4.67 -1.71 17.99
N ASN D 60 4.18 -2.93 17.86
CA ASN D 60 3.29 -3.34 16.76
C ASN D 60 1.84 -2.95 17.03
N SER D 61 1.11 -2.58 15.97
CA SER D 61 -0.28 -2.13 16.07
C SER D 61 -1.24 -3.17 16.64
N ASN D 62 -1.07 -4.42 16.25
CA ASN D 62 -1.93 -5.50 16.75
C ASN D 62 -1.58 -5.90 18.19
N LEU D 63 -0.32 -5.76 18.57
CA LEU D 63 0.11 -6.06 19.93
C LEU D 63 0.04 -4.84 20.85
N LYS D 64 -0.44 -3.71 20.32
CA LYS D 64 -0.54 -2.48 21.11
C LYS D 64 -1.54 -2.67 22.24
N SER D 65 -1.40 -1.86 23.28
CA SER D 65 -2.28 -1.88 24.46
C SER D 65 -2.16 -3.15 25.32
N ARG D 66 -1.10 -3.94 25.11
CA ARG D 66 -0.75 -5.05 26.01
C ARG D 66 0.70 -5.55 25.87
N VAL D 67 1.58 -4.70 25.35
CA VAL D 67 3.00 -5.03 25.20
C VAL D 67 3.89 -3.88 25.63
N SER D 68 4.70 -4.10 26.66
CA SER D 68 5.65 -3.11 27.13
C SER D 68 7.06 -3.69 27.13
N ILE D 69 8.03 -2.90 26.71
CA ILE D 69 9.44 -3.31 26.70
C ILE D 69 10.28 -2.38 27.57
N SER D 70 11.22 -2.95 28.31
CA SER D 70 12.16 -2.17 29.11
C SER D 70 13.54 -2.83 29.12
N ARG D 71 14.46 -2.30 29.92
CA ARG D 71 15.81 -2.83 29.99
C ARG D 71 16.55 -2.43 31.27
N ASP D 72 17.68 -3.09 31.50
CA ASP D 72 18.61 -2.75 32.57
C ASP D 72 20.03 -2.88 32.03
N THR D 73 20.60 -1.76 31.62
CA THR D 73 21.89 -1.75 30.93
C THR D 73 23.06 -2.20 31.80
N SER D 74 22.95 -2.02 33.11
CA SER D 74 24.03 -2.44 34.02
C SER D 74 24.08 -3.96 34.13
N LYS D 75 22.92 -4.61 34.03
CA LYS D 75 22.84 -6.07 34.10
C LYS D 75 22.81 -6.73 32.73
N SER D 76 22.77 -5.92 31.67
CA SER D 76 22.73 -6.39 30.28
C SER D 76 21.51 -7.26 30.01
N GLN D 77 20.34 -6.76 30.42
CA GLN D 77 19.08 -7.49 30.31
C GLN D 77 18.09 -6.67 29.52
N VAL D 78 17.26 -7.33 28.72
CA VAL D 78 16.15 -6.67 28.05
C VAL D 78 14.85 -7.39 28.37
N PHE D 79 13.88 -6.66 28.89
CA PHE D 79 12.66 -7.24 29.44
C PHE D 79 11.51 -7.10 28.46
N LEU D 80 10.67 -8.13 28.40
CA LEU D 80 9.44 -8.10 27.61
C LEU D 80 8.26 -8.46 28.51
N LYS D 81 7.18 -7.70 28.38
CA LYS D 81 5.97 -7.92 29.19
C LYS D 81 4.72 -7.91 28.30
N LEU D 82 4.13 -9.09 28.13
CA LEU D 82 2.86 -9.27 27.43
C LEU D 82 1.84 -9.73 28.45
N ASN D 83 0.75 -8.97 28.63
CA ASN D 83 -0.29 -9.33 29.61
C ASN D 83 -1.63 -9.65 28.97
N SER D 84 -2.53 -10.22 29.77
CA SER D 84 -3.86 -10.62 29.31
C SER D 84 -3.72 -11.63 28.16
N LEU D 85 -2.88 -12.64 28.36
CA LEU D 85 -2.59 -13.63 27.32
C LEU D 85 -3.73 -14.64 27.10
N GLN D 86 -3.60 -15.44 26.02
CA GLN D 86 -4.65 -16.39 25.62
C GLN D 86 -4.07 -17.52 24.74
N GLN D 87 -4.91 -18.52 24.44
CA GLN D 87 -4.50 -19.66 23.59
C GLN D 87 -3.64 -19.21 22.41
N GLU D 88 -4.11 -18.20 21.69
CA GLU D 88 -3.49 -17.78 20.43
C GLU D 88 -2.15 -17.08 20.59
N ASP D 89 -1.71 -16.86 21.83
CA ASP D 89 -0.41 -16.27 22.09
C ASP D 89 0.69 -17.31 22.22
N THR D 90 0.33 -18.60 22.09
CA THR D 90 1.30 -19.69 22.13
C THR D 90 2.27 -19.58 20.95
N ALA D 91 3.56 -19.49 21.24
CA ALA D 91 4.56 -19.36 20.17
C ALA D 91 5.99 -19.51 20.66
N MET D 92 6.93 -19.46 19.72
CA MET D 92 8.34 -19.27 20.05
C MET D 92 8.58 -17.76 20.10
N TYR D 93 9.36 -17.32 21.09
CA TYR D 93 9.73 -15.92 21.24
C TYR D 93 11.23 -15.78 21.10
N PHE D 94 11.64 -14.92 20.16
CA PHE D 94 13.05 -14.63 19.91
C PHE D 94 13.34 -13.18 20.26
N CYS D 95 14.58 -12.91 20.67
CA CYS D 95 15.08 -11.55 20.72
C CYS D 95 16.25 -11.45 19.74
N ALA D 96 16.41 -10.30 19.09
CA ALA D 96 17.43 -10.12 18.04
C ALA D 96 17.98 -8.68 18.00
N ARG D 97 19.28 -8.56 17.75
CA ARG D 97 19.97 -7.25 17.79
C ARG D 97 19.56 -6.32 16.64
N HIS D 98 19.38 -5.04 16.97
CA HIS D 98 19.15 -4.00 15.98
C HIS D 98 20.48 -3.58 15.36
N PHE D 99 20.61 -3.74 14.04
CA PHE D 99 21.79 -3.30 13.32
C PHE D 99 21.34 -2.66 12.00
N TYR D 100 21.09 -1.35 12.07
CA TYR D 100 20.36 -0.63 11.03
C TYR D 100 18.98 -1.26 10.84
N THR D 101 18.56 -1.49 9.59
CA THR D 101 17.23 -1.99 9.28
C THR D 101 17.10 -3.52 9.42
N TYR D 102 18.20 -4.20 9.74
CA TYR D 102 18.19 -5.66 9.80
C TYR D 102 18.49 -6.18 11.21
N PHE D 103 18.28 -7.49 11.39
CA PHE D 103 18.48 -8.14 12.67
C PHE D 103 19.64 -9.14 12.55
N ASP D 104 20.86 -8.69 12.87
CA ASP D 104 22.07 -9.45 12.53
C ASP D 104 22.40 -10.59 13.47
N VAL D 105 21.89 -10.54 14.69
CA VAL D 105 22.13 -11.60 15.68
C VAL D 105 20.85 -11.89 16.45
N TRP D 106 20.48 -13.17 16.52
CA TRP D 106 19.25 -13.60 17.16
C TRP D 106 19.54 -14.47 18.37
N GLY D 107 18.65 -14.42 19.36
CA GLY D 107 18.65 -15.41 20.43
C GLY D 107 18.15 -16.75 19.88
N GLN D 108 18.52 -17.84 20.56
CA GLN D 108 18.17 -19.20 20.13
C GLN D 108 16.66 -19.44 20.12
N GLY D 109 15.95 -18.67 20.94
CA GLY D 109 14.49 -18.75 21.01
C GLY D 109 14.00 -19.45 22.26
N ILE D 110 12.77 -19.13 22.65
CA ILE D 110 12.16 -19.71 23.85
C ILE D 110 10.70 -20.07 23.56
N GLN D 111 10.29 -21.29 23.88
CA GLN D 111 8.92 -21.71 23.65
C GLN D 111 8.03 -21.31 24.83
N VAL D 112 6.86 -20.76 24.52
CA VAL D 112 5.91 -20.36 25.54
C VAL D 112 4.51 -20.84 25.14
N THR D 113 3.91 -21.66 26.00
CA THR D 113 2.60 -22.26 25.73
C THR D 113 1.54 -21.73 26.68
N VAL D 114 0.48 -21.16 26.13
CA VAL D 114 -0.64 -20.68 26.89
C VAL D 114 -1.82 -21.64 26.73
N SER D 115 -2.22 -22.26 27.84
CA SER D 115 -3.38 -23.15 27.84
C SER D 115 -3.96 -23.26 29.25
N SER D 116 -5.24 -23.63 29.32
CA SER D 116 -5.94 -23.78 30.59
C SER D 116 -6.14 -25.25 30.95
N ALA D 117 -5.14 -26.07 30.63
CA ALA D 117 -5.19 -27.50 30.92
C ALA D 117 -4.53 -27.80 32.26
N THR D 118 -4.98 -28.86 32.92
CA THR D 118 -4.30 -29.38 34.10
C THR D 118 -3.68 -30.74 33.75
N THR D 119 -2.84 -31.25 34.65
CA THR D 119 -2.14 -32.50 34.42
C THR D 119 -3.11 -33.69 34.33
N THR D 120 -3.19 -34.30 33.14
CA THR D 120 -4.08 -35.42 32.88
C THR D 120 -3.29 -36.66 32.45
N ALA D 121 -3.58 -37.80 33.05
CA ALA D 121 -2.96 -39.06 32.66
C ALA D 121 -3.58 -39.54 31.35
N PRO D 122 -2.77 -40.15 30.47
CA PRO D 122 -3.28 -40.59 29.17
C PRO D 122 -4.21 -41.80 29.27
N SER D 123 -4.97 -42.04 28.21
CA SER D 123 -5.74 -43.25 28.06
C SER D 123 -5.08 -44.01 26.92
N VAL D 124 -4.34 -45.06 27.26
CA VAL D 124 -3.54 -45.81 26.28
C VAL D 124 -4.36 -46.98 25.70
N TYR D 125 -4.56 -46.96 24.38
CA TYR D 125 -5.35 -47.98 23.69
C TYR D 125 -4.54 -48.79 22.66
N PRO D 126 -4.84 -50.09 22.56
CA PRO D 126 -4.15 -50.95 21.60
C PRO D 126 -4.68 -50.81 20.17
N LEU D 127 -3.80 -51.01 19.19
CA LEU D 127 -4.22 -50.99 17.79
C LEU D 127 -3.64 -52.19 17.07
N ALA D 128 -4.52 -53.12 16.69
CA ALA D 128 -4.15 -54.29 15.92
C ALA D 128 -4.85 -54.24 14.57
N PRO D 129 -4.33 -54.99 13.59
CA PRO D 129 -4.91 -54.92 12.25
C PRO D 129 -6.39 -55.27 12.23
N ALA D 130 -7.12 -54.71 11.27
CA ALA D 130 -8.53 -54.99 11.10
C ALA D 130 -8.71 -56.32 10.36
N CYS D 131 -9.79 -56.44 9.59
CA CYS D 131 -10.11 -57.65 8.87
C CYS D 131 -11.31 -57.44 7.95
N ASN D 139 5.15 -58.52 3.29
CA ASN D 139 4.88 -59.68 4.14
C ASN D 139 5.36 -59.44 5.56
N THR D 140 4.82 -58.38 6.19
CA THR D 140 5.11 -58.02 7.59
C THR D 140 3.93 -57.26 8.21
N VAL D 141 3.55 -57.65 9.42
CA VAL D 141 2.42 -57.02 10.13
C VAL D 141 2.86 -55.76 10.87
N THR D 142 1.90 -54.90 11.19
CA THR D 142 2.16 -53.65 11.90
C THR D 142 1.12 -53.41 13.00
N LEU D 143 1.60 -53.31 14.24
CA LEU D 143 0.73 -53.04 15.39
C LEU D 143 0.92 -51.59 15.83
N GLY D 144 0.04 -51.12 16.70
CA GLY D 144 0.10 -49.74 17.19
C GLY D 144 -0.43 -49.50 18.59
N CYS D 145 -0.05 -48.35 19.16
CA CYS D 145 -0.60 -47.86 20.41
C CYS D 145 -1.14 -46.44 20.20
N LEU D 146 -2.36 -46.19 20.67
CA LEU D 146 -2.94 -44.86 20.67
C LEU D 146 -2.92 -44.34 22.10
N VAL D 147 -2.10 -43.30 22.34
CA VAL D 147 -2.08 -42.62 23.62
C VAL D 147 -3.00 -41.41 23.52
N LYS D 148 -4.05 -41.38 24.35
CA LYS D 148 -5.09 -40.35 24.21
C LYS D 148 -5.26 -39.46 25.45
N GLY D 149 -5.50 -38.18 25.20
CA GLY D 149 -5.87 -37.22 26.24
C GLY D 149 -4.89 -37.03 27.39
N TYR D 150 -3.72 -36.47 27.10
CA TYR D 150 -2.73 -36.21 28.14
C TYR D 150 -2.19 -34.78 28.10
N PHE D 151 -1.86 -34.25 29.27
CA PHE D 151 -1.23 -32.93 29.38
C PHE D 151 -0.36 -32.87 30.65
N PRO D 152 0.81 -32.23 30.56
CA PRO D 152 1.48 -31.66 29.40
C PRO D 152 2.32 -32.71 28.66
N GLU D 153 3.17 -32.24 27.75
CA GLU D 153 4.14 -33.11 27.07
C GLU D 153 5.28 -33.46 28.02
N PRO D 154 6.10 -34.47 27.68
CA PRO D 154 5.97 -35.45 26.61
C PRO D 154 5.47 -36.80 27.13
N VAL D 155 5.38 -37.77 26.23
CA VAL D 155 4.98 -39.14 26.55
C VAL D 155 5.95 -40.12 25.89
N THR D 156 6.74 -40.83 26.71
CA THR D 156 7.63 -41.87 26.19
C THR D 156 6.82 -43.09 25.81
N VAL D 157 7.17 -43.69 24.68
CA VAL D 157 6.61 -44.99 24.27
C VAL D 157 7.75 -45.87 23.78
N SER D 158 7.85 -47.08 24.33
CA SER D 158 8.78 -48.08 23.82
C SER D 158 8.01 -49.36 23.50
N TRP D 159 8.71 -50.38 23.01
CA TRP D 159 8.08 -51.67 22.68
C TRP D 159 8.89 -52.85 23.21
N ASN D 160 8.19 -53.82 23.77
CA ASN D 160 8.79 -54.94 24.50
C ASN D 160 10.01 -54.47 25.32
N SER D 161 9.79 -53.42 26.11
CA SER D 161 10.79 -52.87 27.03
C SER D 161 12.08 -52.42 26.34
N GLY D 162 11.96 -51.94 25.10
CA GLY D 162 13.12 -51.48 24.34
C GLY D 162 13.75 -52.54 23.46
N ALA D 163 13.19 -53.74 23.44
CA ALA D 163 13.72 -54.83 22.63
C ALA D 163 13.53 -54.55 21.14
N LEU D 164 12.36 -54.06 20.77
CA LEU D 164 12.05 -53.71 19.38
C LEU D 164 12.54 -52.30 19.03
N THR D 165 13.53 -52.24 18.14
CA THR D 165 14.22 -51.00 17.81
C THR D 165 13.85 -50.49 16.42
N SER D 166 14.11 -51.32 15.40
CA SER D 166 14.05 -50.90 14.00
C SER D 166 12.63 -50.67 13.49
N GLY D 167 11.69 -51.53 13.88
CA GLY D 167 10.31 -51.42 13.41
C GLY D 167 9.51 -50.26 13.99
N VAL D 168 10.06 -49.61 15.03
CA VAL D 168 9.33 -48.57 15.75
C VAL D 168 9.10 -47.32 14.90
N HIS D 169 7.89 -46.78 14.98
CA HIS D 169 7.51 -45.53 14.30
C HIS D 169 6.63 -44.71 15.24
N THR D 170 7.28 -43.94 16.11
CA THR D 170 6.59 -43.03 17.00
C THR D 170 6.33 -41.72 16.27
N PHE D 171 5.09 -41.22 16.35
CA PHE D 171 4.67 -40.04 15.58
C PHE D 171 4.58 -38.80 16.47
N PRO D 172 4.42 -37.61 15.87
CA PRO D 172 4.31 -36.39 16.66
C PRO D 172 2.91 -36.21 17.23
N SER D 173 2.79 -35.32 18.22
CA SER D 173 1.54 -35.12 18.95
C SER D 173 0.51 -34.36 18.13
N VAL D 174 -0.71 -34.29 18.67
CA VAL D 174 -1.78 -33.48 18.11
C VAL D 174 -2.66 -32.99 19.27
N LEU D 175 -2.95 -31.69 19.27
CA LEU D 175 -3.62 -31.04 20.39
C LEU D 175 -4.90 -30.36 19.95
N HIS D 176 -6.04 -30.91 20.36
CA HIS D 176 -7.28 -30.14 20.36
C HIS D 176 -8.06 -30.35 21.65
N SER D 177 -8.71 -29.28 22.11
CA SER D 177 -9.40 -29.24 23.39
C SER D 177 -8.40 -29.26 24.55
N GLY D 178 -7.19 -28.75 24.31
CA GLY D 178 -6.16 -28.62 25.34
C GLY D 178 -5.47 -29.90 25.79
N LEU D 179 -5.92 -31.05 25.29
CA LEU D 179 -5.31 -32.34 25.62
C LEU D 179 -4.59 -32.90 24.38
N TYR D 180 -3.41 -33.46 24.61
CA TYR D 180 -2.59 -34.02 23.53
C TYR D 180 -2.96 -35.47 23.23
N SER D 181 -2.60 -35.91 22.02
CA SER D 181 -2.73 -37.32 21.64
C SER D 181 -1.55 -37.71 20.73
N LEU D 182 -1.23 -39.00 20.75
CA LEU D 182 -0.05 -39.54 20.08
C LEU D 182 -0.35 -40.95 19.63
N SER D 183 0.51 -41.49 18.77
CA SER D 183 0.42 -42.92 18.42
C SER D 183 1.73 -43.45 17.86
N SER D 184 2.20 -44.57 18.41
CA SER D 184 3.38 -45.25 17.87
C SER D 184 2.95 -46.53 17.16
N SER D 185 3.90 -47.15 16.48
CA SER D 185 3.64 -48.37 15.72
C SER D 185 4.94 -49.15 15.57
N VAL D 186 4.82 -50.47 15.45
CA VAL D 186 5.97 -51.33 15.28
C VAL D 186 5.70 -52.34 14.18
N THR D 187 6.58 -52.38 13.18
CA THR D 187 6.50 -53.38 12.12
C THR D 187 7.33 -54.58 12.53
N VAL D 188 6.81 -55.77 12.27
CA VAL D 188 7.48 -57.02 12.65
C VAL D 188 7.26 -58.09 11.58
N PRO D 189 8.22 -59.03 11.44
CA PRO D 189 7.99 -60.20 10.58
C PRO D 189 6.68 -60.90 10.92
N SER D 190 5.90 -61.22 9.89
CA SER D 190 4.58 -61.85 10.07
C SER D 190 4.61 -63.13 10.91
N SER D 191 5.74 -63.84 10.89
CA SER D 191 5.92 -65.04 11.70
C SER D 191 5.91 -64.76 13.21
N THR D 192 6.46 -63.61 13.60
CA THR D 192 6.65 -63.30 15.03
C THR D 192 5.32 -63.08 15.76
N TRP D 193 4.49 -62.18 15.25
CA TRP D 193 3.18 -61.89 15.86
C TRP D 193 2.11 -62.64 15.11
N PRO D 194 1.11 -63.22 15.81
CA PRO D 194 0.80 -63.17 17.25
C PRO D 194 1.39 -64.29 18.11
N SER D 195 2.19 -65.17 17.51
CA SER D 195 2.87 -66.23 18.27
C SER D 195 3.75 -65.68 19.40
N GLN D 196 4.45 -64.57 19.12
CA GLN D 196 5.29 -63.90 20.10
C GLN D 196 4.61 -62.64 20.60
N THR D 197 4.71 -62.41 21.90
CA THR D 197 4.09 -61.25 22.57
C THR D 197 4.62 -59.92 22.03
N VAL D 198 3.71 -58.98 21.80
CA VAL D 198 4.07 -57.59 21.55
C VAL D 198 3.35 -56.71 22.55
N THR D 199 4.09 -55.81 23.19
CA THR D 199 3.55 -54.94 24.23
C THR D 199 4.24 -53.59 24.21
N CYS D 200 3.48 -52.51 24.03
CA CYS D 200 4.06 -51.17 24.04
C CYS D 200 4.08 -50.63 25.47
N ASN D 201 5.16 -49.93 25.81
CA ASN D 201 5.36 -49.41 27.15
C ASN D 201 5.35 -47.89 27.13
N VAL D 202 4.18 -47.32 27.41
CA VAL D 202 4.03 -45.87 27.47
C VAL D 202 4.35 -45.36 28.88
N ALA D 203 5.04 -44.23 28.96
CA ALA D 203 5.35 -43.58 30.23
C ALA D 203 4.95 -42.10 30.15
N HIS D 204 4.42 -41.57 31.26
CA HIS D 204 4.05 -40.16 31.35
C HIS D 204 4.46 -39.60 32.73
N PRO D 205 5.69 -39.05 32.83
CA PRO D 205 6.24 -38.57 34.09
C PRO D 205 5.36 -37.58 34.85
N ALA D 206 4.70 -36.67 34.13
CA ALA D 206 3.89 -35.62 34.75
C ALA D 206 2.69 -36.14 35.52
N SER D 207 2.16 -37.29 35.12
CA SER D 207 1.03 -37.91 35.82
C SER D 207 1.45 -39.14 36.63
N SER D 208 2.76 -39.44 36.62
CA SER D 208 3.31 -40.62 37.27
C SER D 208 2.67 -41.89 36.72
N THR D 209 2.51 -41.94 35.40
CA THR D 209 1.75 -43.00 34.73
C THR D 209 2.63 -43.78 33.78
N LYS D 210 3.04 -44.98 34.22
CA LYS D 210 3.64 -45.99 33.34
C LYS D 210 2.59 -47.08 33.14
N VAL D 211 2.37 -47.46 31.89
CA VAL D 211 1.31 -48.43 31.53
C VAL D 211 1.81 -49.37 30.44
N ASP D 212 1.43 -50.64 30.51
CA ASP D 212 1.72 -51.62 29.46
C ASP D 212 0.43 -52.17 28.84
N LYS D 213 0.39 -52.25 27.51
CA LYS D 213 -0.74 -52.85 26.80
C LYS D 213 -0.23 -53.92 25.83
N LYS D 214 -0.79 -55.12 25.94
CA LYS D 214 -0.43 -56.24 25.08
C LYS D 214 -1.33 -56.19 23.85
N ILE D 215 -0.71 -56.15 22.67
CA ILE D 215 -1.45 -56.05 21.42
C ILE D 215 -2.00 -57.42 21.07
N VAL D 216 -3.29 -57.49 20.78
CA VAL D 216 -3.96 -58.77 20.53
C VAL D 216 -5.07 -58.68 19.48
N PRO D 217 -5.21 -59.73 18.63
CA PRO D 217 -6.24 -59.81 17.58
C PRO D 217 -7.67 -59.52 18.04
N GLY D 218 -8.51 -59.10 17.09
CA GLY D 218 -9.94 -58.91 17.33
C GLY D 218 -10.77 -59.51 16.19
#